data_2NSU
#
_entry.id   2NSU
#
_entity_poly.entity_id   1
_entity_poly.type   'polypeptide(L)'
_entity_poly.pdbx_seq_one_letter_code
;LYWDDLKRKLSEKLDSTDFTSTIKLLNENSYVPREAGSQKDENLALYVENEFREFKLSKVWRDQHFVKIQVKDSAQNSVI
IVDKNGRLVYLVENPGGYVAYSKAATVTGKLVHANFGTKKDFEDLYTPVNGSIVIVRAGKITFAEKVANAESLNAIGVLI
YMDQTKFPIVNAELSFFGHAHLGTGDPYTPGFPSFNHTQFPPSRSSGLPNIPVQTISRAAAEKLFGNMEGDCPSDWKTDS
TCRMVTSESKNVKLTVSNVLKEIKILNIFGVIKGFVEPDHYVVVGAQRDAWGPGAAKSGVGTALLLKLAQMFSDMVLKDG
FQPSRSIIFASWSAGDFGSVGATEWLEGYLSSLHLKAFTYINLDKAVLGTSNFKVSASPLLYTLIEKTMQNVKHPVTGQF
LYQDSNWASKVEKLTLDNAAFPFLAYSGIPAVSFCFCEDTDYPYLGTTMDTYKELIERIPELNKVARAAAEVAGQFVIKL
THDVELNLDYEEYNSQLLSFVRDLNQYRADIKEMGLSLQWLYSARGDFFRATSRLTTDFGNAEKTDRFVMKKLNDRVMRV
EYHFLSPYVSPKESPFRHVFWGSGSHTLPALLENLKLRKQNNGAFNETLFRNQLALATWTIQGAANALSGDVWDIDNEF
;
_entity_poly.pdbx_strand_id   A,B
#
# COMPACT_ATOMS: atom_id res chain seq x y z
N LEU A 1 -27.22 26.12 15.52
CA LEU A 1 -28.20 26.47 14.50
C LEU A 1 -28.60 25.25 13.66
N TYR A 2 -29.76 25.33 13.02
CA TYR A 2 -30.24 24.23 12.18
C TYR A 2 -30.02 24.50 10.71
N TRP A 3 -30.12 23.46 9.89
CA TRP A 3 -29.90 23.57 8.45
C TRP A 3 -30.57 24.78 7.82
N ASP A 4 -31.88 24.92 8.03
CA ASP A 4 -32.61 26.05 7.47
C ASP A 4 -31.84 27.33 7.74
N ASP A 5 -31.44 27.50 9.00
CA ASP A 5 -30.68 28.68 9.43
C ASP A 5 -29.44 28.86 8.55
N LEU A 6 -28.59 27.84 8.55
CA LEU A 6 -27.37 27.88 7.76
C LEU A 6 -27.69 28.07 6.29
N LYS A 7 -28.74 27.40 5.81
CA LYS A 7 -29.10 27.53 4.41
C LYS A 7 -29.48 28.98 4.12
N ARG A 8 -30.40 29.50 4.93
CA ARG A 8 -30.88 30.87 4.78
C ARG A 8 -29.75 31.87 4.88
N LYS A 9 -28.92 31.73 5.92
CA LYS A 9 -27.81 32.64 6.10
C LYS A 9 -26.93 32.60 4.85
N LEU A 10 -26.34 31.44 4.61
CA LEU A 10 -25.47 31.26 3.45
C LEU A 10 -26.05 31.89 2.19
N SER A 11 -27.37 31.94 2.10
CA SER A 11 -27.99 32.50 0.90
C SER A 11 -27.86 34.00 0.85
N GLU A 12 -28.34 34.69 1.90
CA GLU A 12 -28.26 36.14 1.92
C GLU A 12 -26.81 36.60 1.78
N LYS A 13 -25.89 35.85 2.38
CA LYS A 13 -24.47 36.18 2.29
C LYS A 13 -24.11 36.06 0.82
N LEU A 14 -24.66 35.05 0.16
CA LEU A 14 -24.40 34.86 -1.27
C LEU A 14 -25.16 35.94 -2.05
N ASP A 15 -26.22 36.45 -1.45
CA ASP A 15 -27.03 37.48 -2.08
C ASP A 15 -26.28 38.82 -2.11
N SER A 16 -25.28 38.95 -1.25
CA SER A 16 -24.51 40.19 -1.17
C SER A 16 -23.00 39.99 -1.35
N THR A 17 -22.61 39.39 -2.47
CA THR A 17 -21.20 39.16 -2.76
C THR A 17 -20.95 39.32 -4.25
N ASP A 18 -20.07 40.27 -4.58
CA ASP A 18 -19.75 40.53 -5.98
C ASP A 18 -18.67 39.58 -6.48
N PHE A 19 -19.10 38.51 -7.16
CA PHE A 19 -18.13 37.54 -7.68
C PHE A 19 -17.50 38.08 -8.95
N THR A 20 -18.30 38.80 -9.73
CA THR A 20 -17.84 39.35 -11.01
C THR A 20 -16.64 40.29 -10.83
N SER A 21 -16.64 41.06 -9.75
CA SER A 21 -15.56 41.99 -9.45
C SER A 21 -14.24 41.24 -9.29
N THR A 22 -14.25 40.23 -8.43
CA THR A 22 -13.07 39.43 -8.15
C THR A 22 -12.60 38.63 -9.36
N ILE A 23 -13.55 38.24 -10.22
CA ILE A 23 -13.19 37.48 -11.42
C ILE A 23 -12.46 38.43 -12.34
N LYS A 24 -12.79 39.71 -12.21
CA LYS A 24 -12.15 40.76 -13.01
C LYS A 24 -10.80 41.09 -12.36
N LEU A 25 -10.83 41.41 -11.07
CA LEU A 25 -9.62 41.76 -10.34
C LEU A 25 -8.55 40.75 -10.69
N LEU A 26 -8.92 39.48 -10.77
CA LEU A 26 -7.97 38.42 -11.10
C LEU A 26 -7.73 38.42 -12.60
N ASN A 27 -7.70 39.62 -13.18
CA ASN A 27 -7.45 39.78 -14.60
C ASN A 27 -6.58 41.00 -14.87
N GLU A 28 -6.45 41.86 -13.86
CA GLU A 28 -5.61 43.06 -13.97
C GLU A 28 -4.21 42.61 -14.37
N ASN A 29 -3.47 43.45 -15.09
CA ASN A 29 -2.14 43.06 -15.50
C ASN A 29 -1.25 42.65 -14.34
N SER A 30 -1.72 42.89 -13.11
CA SER A 30 -0.97 42.52 -11.91
C SER A 30 -0.72 41.01 -11.89
N TYR A 31 -1.68 40.28 -12.44
CA TYR A 31 -1.59 38.82 -12.52
C TYR A 31 -2.37 38.29 -13.70
N VAL A 32 -1.93 38.60 -14.92
CA VAL A 32 -2.63 38.12 -16.09
C VAL A 32 -1.95 36.93 -16.74
N PRO A 33 -0.75 37.09 -17.33
CA PRO A 33 -0.27 35.82 -17.89
C PRO A 33 0.34 35.02 -16.74
N ARG A 34 -0.51 34.66 -15.79
CA ARG A 34 -0.11 33.88 -14.61
C ARG A 34 0.24 32.45 -14.94
N GLU A 35 1.24 32.26 -15.79
CA GLU A 35 1.65 30.91 -16.14
C GLU A 35 2.09 30.22 -14.86
N ALA A 36 2.29 28.90 -14.95
CA ALA A 36 2.71 28.13 -13.79
C ALA A 36 4.11 28.53 -13.37
N GLY A 37 4.26 28.83 -12.08
CA GLY A 37 5.56 29.21 -11.57
C GLY A 37 6.10 30.50 -12.14
N SER A 38 5.22 31.38 -12.56
CA SER A 38 5.64 32.66 -13.10
C SER A 38 5.61 33.70 -11.98
N GLN A 39 5.93 34.94 -12.30
CA GLN A 39 5.90 35.99 -11.29
C GLN A 39 4.46 36.33 -10.97
N LYS A 40 3.66 36.50 -12.02
CA LYS A 40 2.24 36.82 -11.86
C LYS A 40 1.66 35.74 -10.95
N ASP A 41 1.96 34.49 -11.31
CA ASP A 41 1.50 33.33 -10.56
C ASP A 41 1.73 33.67 -9.08
N GLU A 42 3.01 33.79 -8.73
CA GLU A 42 3.46 34.09 -7.38
C GLU A 42 2.77 35.31 -6.81
N ASN A 43 2.38 36.23 -7.69
CA ASN A 43 1.70 37.44 -7.23
C ASN A 43 0.33 37.08 -6.65
N LEU A 44 -0.51 36.49 -7.48
CA LEU A 44 -1.85 36.12 -7.06
C LEU A 44 -1.77 35.20 -5.85
N ALA A 45 -0.76 34.32 -5.86
CA ALA A 45 -0.57 33.39 -4.77
C ALA A 45 -0.53 34.15 -3.46
N LEU A 46 0.35 35.14 -3.39
CA LEU A 46 0.48 35.93 -2.18
C LEU A 46 -0.79 36.73 -1.92
N TYR A 47 -1.53 37.02 -2.99
CA TYR A 47 -2.77 37.78 -2.83
C TYR A 47 -3.76 36.91 -2.07
N VAL A 48 -3.93 35.68 -2.55
CA VAL A 48 -4.85 34.76 -1.92
C VAL A 48 -4.40 34.55 -0.48
N GLU A 49 -3.10 34.28 -0.32
CA GLU A 49 -2.53 34.03 1.00
C GLU A 49 -2.89 35.14 2.00
N ASN A 50 -2.74 36.38 1.55
CA ASN A 50 -3.02 37.52 2.41
C ASN A 50 -4.53 37.66 2.62
N GLU A 51 -5.29 37.54 1.53
CA GLU A 51 -6.74 37.63 1.62
C GLU A 51 -7.22 36.68 2.71
N PHE A 52 -6.70 35.45 2.71
CA PHE A 52 -7.07 34.46 3.70
C PHE A 52 -6.75 35.02 5.09
N ARG A 53 -5.55 35.57 5.25
CA ARG A 53 -5.16 36.16 6.53
C ARG A 53 -6.14 37.26 6.85
N GLU A 54 -6.43 38.10 5.86
CA GLU A 54 -7.35 39.21 6.06
C GLU A 54 -8.72 38.66 6.47
N PHE A 55 -9.10 37.53 5.88
CA PHE A 55 -10.38 36.92 6.20
C PHE A 55 -10.43 36.53 7.65
N LYS A 56 -9.29 36.69 8.32
CA LYS A 56 -9.19 36.39 9.74
C LYS A 56 -9.44 34.92 10.05
N LEU A 57 -9.29 34.06 9.05
CA LEU A 57 -9.50 32.63 9.31
C LEU A 57 -8.32 32.10 10.10
N SER A 58 -8.45 30.92 10.69
CA SER A 58 -7.37 30.33 11.48
C SER A 58 -6.12 30.08 10.64
N LYS A 59 -5.24 29.22 11.14
CA LYS A 59 -4.00 28.92 10.41
C LYS A 59 -4.13 28.97 8.90
N VAL A 60 -3.09 29.49 8.25
CA VAL A 60 -3.03 29.61 6.80
C VAL A 60 -1.55 29.54 6.45
N TRP A 61 -1.17 28.65 5.56
CA TRP A 61 0.24 28.49 5.22
C TRP A 61 0.52 28.40 3.73
N ARG A 62 1.78 28.07 3.40
CA ARG A 62 2.20 27.94 2.01
C ARG A 62 2.68 26.51 1.78
N ASP A 63 2.67 26.07 0.54
CA ASP A 63 3.17 24.74 0.22
C ASP A 63 4.11 24.87 -0.97
N GLN A 64 5.39 24.74 -0.69
CA GLN A 64 6.44 24.87 -1.70
C GLN A 64 6.70 23.57 -2.45
N HIS A 65 7.11 23.68 -3.71
CA HIS A 65 7.39 22.50 -4.53
C HIS A 65 8.25 22.85 -5.74
N PHE A 66 9.11 21.92 -6.15
CA PHE A 66 9.96 22.13 -7.31
C PHE A 66 9.73 21.02 -8.33
N VAL A 67 8.83 21.25 -9.28
CA VAL A 67 8.55 20.24 -10.27
C VAL A 67 9.08 20.67 -11.62
N LYS A 68 9.34 19.71 -12.50
CA LYS A 68 9.83 20.02 -13.83
C LYS A 68 8.67 20.26 -14.82
N ILE A 69 8.58 21.49 -15.31
CA ILE A 69 7.55 21.86 -16.29
C ILE A 69 8.25 21.98 -17.65
N GLN A 70 7.48 21.94 -18.72
CA GLN A 70 8.08 22.08 -20.05
C GLN A 70 7.64 23.40 -20.68
N VAL A 71 8.58 24.09 -21.31
CA VAL A 71 8.30 25.37 -21.93
C VAL A 71 8.88 25.45 -23.33
N LYS A 72 8.35 26.42 -24.09
CA LYS A 72 8.76 26.66 -25.46
C LYS A 72 10.20 27.17 -25.49
N ASP A 73 11.06 26.44 -26.20
CA ASP A 73 12.48 26.82 -26.33
C ASP A 73 12.62 28.05 -27.24
N SER A 74 13.71 28.78 -27.05
CA SER A 74 13.98 29.97 -27.86
C SER A 74 13.81 29.66 -29.35
N ALA A 75 14.16 28.43 -29.73
CA ALA A 75 14.03 27.98 -31.11
C ALA A 75 12.55 27.82 -31.43
N GLN A 76 12.12 28.32 -32.59
CA GLN A 76 10.72 28.24 -32.96
C GLN A 76 10.22 26.88 -33.43
N ASN A 77 9.05 26.50 -32.90
CA ASN A 77 8.38 25.25 -33.24
C ASN A 77 7.57 25.53 -34.51
N SER A 78 7.55 24.57 -35.43
CA SER A 78 6.84 24.80 -36.67
C SER A 78 6.42 23.56 -37.46
N VAL A 79 5.40 23.77 -38.29
CA VAL A 79 4.86 22.76 -39.18
C VAL A 79 5.06 23.29 -40.58
N ILE A 80 5.64 22.46 -41.45
CA ILE A 80 5.91 22.88 -42.82
C ILE A 80 5.68 21.75 -43.83
N ILE A 81 4.89 22.03 -44.86
CA ILE A 81 4.61 21.05 -45.89
C ILE A 81 5.86 20.93 -46.78
N VAL A 82 6.26 19.70 -47.04
CA VAL A 82 7.44 19.47 -47.86
C VAL A 82 7.47 18.04 -48.38
N ASP A 83 8.15 17.85 -49.51
CA ASP A 83 8.27 16.53 -50.13
C ASP A 83 9.44 15.72 -49.57
N LYS A 84 9.90 14.76 -50.36
CA LYS A 84 11.02 13.90 -49.96
C LYS A 84 12.30 14.75 -49.98
N ASN A 85 12.10 16.06 -49.92
CA ASN A 85 13.16 17.05 -49.94
C ASN A 85 12.47 18.38 -50.24
N GLY A 86 13.22 19.36 -50.74
CA GLY A 86 12.67 20.66 -51.09
C GLY A 86 11.42 21.10 -50.34
N ARG A 87 11.62 21.77 -49.20
CA ARG A 87 10.51 22.25 -48.37
C ARG A 87 9.62 23.26 -49.09
N LEU A 88 8.74 22.76 -49.97
CA LEU A 88 7.86 23.64 -50.71
C LEU A 88 6.94 24.43 -49.78
N VAL A 89 5.89 25.01 -50.35
CA VAL A 89 4.90 25.81 -49.63
C VAL A 89 5.47 26.89 -48.71
N TYR A 90 4.55 27.74 -48.25
CA TYR A 90 4.85 28.81 -47.33
C TYR A 90 5.01 28.17 -45.95
N LEU A 91 5.63 28.89 -45.03
CA LEU A 91 5.82 28.38 -43.68
C LEU A 91 4.42 28.29 -43.08
N VAL A 92 3.75 27.16 -43.32
CA VAL A 92 2.39 26.93 -42.84
C VAL A 92 2.13 27.68 -41.54
N GLU A 93 2.97 27.42 -40.53
CA GLU A 93 2.81 28.11 -39.26
C GLU A 93 3.84 27.75 -38.19
N ASN A 94 4.26 28.78 -37.46
CA ASN A 94 5.18 28.70 -36.33
C ASN A 94 4.21 28.84 -35.15
N PRO A 95 3.54 27.73 -34.78
CA PRO A 95 2.58 27.72 -33.68
C PRO A 95 2.88 28.68 -32.52
N GLY A 96 1.85 29.40 -32.08
CA GLY A 96 1.99 30.35 -30.98
C GLY A 96 1.97 29.69 -29.61
N GLY A 97 1.32 28.53 -29.50
CA GLY A 97 1.25 27.81 -28.24
C GLY A 97 1.99 26.49 -28.37
N TYR A 98 1.82 25.61 -27.40
CA TYR A 98 2.52 24.31 -27.45
C TYR A 98 1.88 23.29 -26.54
N VAL A 99 2.27 22.03 -26.74
CA VAL A 99 1.79 20.92 -25.94
C VAL A 99 2.90 20.54 -24.96
N ALA A 100 2.72 20.82 -23.68
CA ALA A 100 3.73 20.51 -22.69
C ALA A 100 4.16 19.04 -22.72
N TYR A 101 5.23 18.74 -22.02
CA TYR A 101 5.75 17.39 -21.95
C TYR A 101 5.80 16.68 -23.29
N SER A 102 5.71 17.42 -24.38
CA SER A 102 5.76 16.81 -25.71
C SER A 102 7.17 16.33 -25.99
N LYS A 103 7.31 15.25 -26.75
CA LYS A 103 8.63 14.74 -27.11
C LYS A 103 9.39 15.83 -27.83
N ALA A 104 10.59 16.14 -27.34
CA ALA A 104 11.41 17.17 -27.97
C ALA A 104 12.13 16.56 -29.16
N ALA A 105 11.56 16.77 -30.34
CA ALA A 105 12.15 16.23 -31.56
C ALA A 105 11.53 16.88 -32.79
N THR A 106 11.92 16.35 -33.96
CA THR A 106 11.43 16.84 -35.24
C THR A 106 11.44 15.73 -36.27
N VAL A 107 10.28 15.49 -36.89
CA VAL A 107 10.14 14.46 -37.91
C VAL A 107 9.15 14.88 -38.98
N THR A 108 9.22 14.20 -40.12
CA THR A 108 8.33 14.48 -41.24
C THR A 108 7.84 13.20 -41.91
N GLY A 109 6.66 13.31 -42.54
CA GLY A 109 6.08 12.17 -43.21
C GLY A 109 4.62 12.44 -43.58
N LYS A 110 3.91 11.37 -43.92
CA LYS A 110 2.50 11.48 -44.30
C LYS A 110 1.68 12.12 -43.17
N LEU A 111 0.51 12.65 -43.49
CA LEU A 111 -0.33 13.27 -42.49
C LEU A 111 -1.80 12.85 -42.52
N VAL A 112 -2.14 11.84 -41.71
CA VAL A 112 -3.50 11.34 -41.61
C VAL A 112 -4.33 12.22 -40.66
N HIS A 113 -5.64 12.18 -40.81
CA HIS A 113 -6.51 12.99 -39.97
C HIS A 113 -7.55 12.16 -39.23
N ALA A 114 -7.17 11.66 -38.05
CA ALA A 114 -8.07 10.84 -37.23
C ALA A 114 -8.96 11.69 -36.32
N ASN A 115 -10.15 12.00 -36.81
CA ASN A 115 -11.12 12.80 -36.06
C ASN A 115 -11.01 12.59 -34.55
N PHE A 116 -11.20 13.69 -33.81
CA PHE A 116 -11.15 13.66 -32.35
C PHE A 116 -10.09 12.75 -31.76
N GLY A 117 -8.87 13.27 -31.69
CA GLY A 117 -7.75 12.52 -31.13
C GLY A 117 -7.87 11.01 -31.12
N THR A 118 -8.22 10.45 -32.28
CA THR A 118 -8.35 9.01 -32.44
C THR A 118 -9.37 8.40 -31.48
N LYS A 119 -9.56 9.05 -30.32
CA LYS A 119 -10.50 8.57 -29.34
C LYS A 119 -10.18 7.14 -28.97
N LYS A 120 -9.09 6.62 -29.54
CA LYS A 120 -8.65 5.23 -29.32
C LYS A 120 -9.62 4.37 -30.14
N ASP A 121 -10.86 4.84 -30.20
CA ASP A 121 -11.94 4.19 -30.93
C ASP A 121 -11.79 4.52 -32.43
N PHE A 122 -11.81 5.81 -32.72
CA PHE A 122 -11.70 6.31 -34.08
C PHE A 122 -10.52 5.75 -34.87
N GLU A 123 -9.51 5.23 -34.17
CA GLU A 123 -8.34 4.67 -34.85
C GLU A 123 -8.75 3.52 -35.77
N ASP A 124 -9.93 2.95 -35.51
CA ASP A 124 -10.43 1.86 -36.33
C ASP A 124 -11.08 2.45 -37.58
N LEU A 125 -10.24 3.12 -38.38
CA LEU A 125 -10.67 3.74 -39.63
C LEU A 125 -9.85 3.12 -40.77
N TYR A 126 -10.23 3.44 -42.00
CA TYR A 126 -9.56 2.91 -43.20
C TYR A 126 -8.04 3.15 -43.32
N THR A 127 -7.66 4.40 -43.58
CA THR A 127 -6.25 4.77 -43.73
C THR A 127 -5.41 4.47 -42.48
N PRO A 128 -4.31 3.73 -42.65
CA PRO A 128 -3.42 3.37 -41.54
C PRO A 128 -2.47 4.51 -41.17
N VAL A 129 -2.13 4.60 -39.88
CA VAL A 129 -1.24 5.63 -39.39
C VAL A 129 0.13 5.02 -39.09
N ASN A 130 0.30 3.78 -39.52
CA ASN A 130 1.53 3.03 -39.34
C ASN A 130 2.73 3.81 -39.89
N GLY A 131 3.31 4.67 -39.05
CA GLY A 131 4.45 5.46 -39.46
C GLY A 131 4.11 6.71 -40.24
N SER A 132 3.38 7.64 -39.61
CA SER A 132 2.99 8.88 -40.27
C SER A 132 2.37 9.87 -39.28
N ILE A 133 2.62 11.15 -39.51
CA ILE A 133 2.09 12.18 -38.62
C ILE A 133 0.57 12.17 -38.67
N VAL A 134 -0.06 12.60 -37.58
CA VAL A 134 -1.52 12.60 -37.51
C VAL A 134 -2.14 13.90 -37.00
N ILE A 135 -3.32 14.22 -37.53
CA ILE A 135 -4.06 15.40 -37.14
C ILE A 135 -5.28 14.95 -36.36
N VAL A 136 -5.69 15.73 -35.37
CA VAL A 136 -6.86 15.40 -34.56
C VAL A 136 -7.52 16.66 -34.04
N ARG A 137 -8.80 16.56 -33.74
CA ARG A 137 -9.56 17.70 -33.25
C ARG A 137 -9.49 17.70 -31.73
N ALA A 138 -9.57 18.87 -31.13
CA ALA A 138 -9.53 18.97 -29.68
C ALA A 138 -10.95 18.65 -29.23
N GLY A 139 -11.15 17.54 -28.53
CA GLY A 139 -12.50 17.22 -28.11
C GLY A 139 -12.78 16.14 -27.08
N LYS A 140 -13.52 15.13 -27.50
CA LYS A 140 -13.94 14.03 -26.66
C LYS A 140 -12.93 13.52 -25.63
N ILE A 141 -11.65 13.52 -25.96
CA ILE A 141 -10.65 13.05 -24.99
C ILE A 141 -9.60 14.11 -24.69
N THR A 142 -8.55 13.71 -23.97
CA THR A 142 -7.49 14.63 -23.61
C THR A 142 -6.29 14.43 -24.53
N PHE A 143 -5.57 15.51 -24.80
CA PHE A 143 -4.40 15.46 -25.66
C PHE A 143 -3.58 14.23 -25.29
N ALA A 144 -3.31 14.11 -23.99
CA ALA A 144 -2.54 12.99 -23.45
C ALA A 144 -3.01 11.71 -24.12
N GLU A 145 -4.31 11.45 -24.03
CA GLU A 145 -4.89 10.25 -24.61
C GLU A 145 -4.78 10.26 -26.13
N LYS A 146 -5.13 11.39 -26.75
CA LYS A 146 -5.06 11.50 -28.20
C LYS A 146 -3.68 11.04 -28.66
N VAL A 147 -2.65 11.64 -28.10
CA VAL A 147 -1.27 11.30 -28.46
C VAL A 147 -0.98 9.84 -28.16
N ALA A 148 -1.26 9.42 -26.92
CA ALA A 148 -1.04 8.06 -26.48
C ALA A 148 -1.49 7.03 -27.50
N ASN A 149 -2.75 7.15 -27.95
CA ASN A 149 -3.31 6.23 -28.93
C ASN A 149 -2.53 6.34 -30.23
N ALA A 150 -2.33 7.56 -30.70
CA ALA A 150 -1.59 7.80 -31.94
C ALA A 150 -0.30 6.96 -31.93
N GLU A 151 0.45 7.07 -30.85
CA GLU A 151 1.70 6.34 -30.71
C GLU A 151 1.51 4.84 -30.52
N SER A 152 0.40 4.44 -29.93
CA SER A 152 0.15 3.03 -29.72
C SER A 152 -0.03 2.36 -31.08
N LEU A 153 -0.37 3.17 -32.08
CA LEU A 153 -0.57 2.68 -33.45
C LEU A 153 0.68 2.93 -34.29
N ASN A 154 1.78 3.26 -33.62
CA ASN A 154 3.06 3.51 -34.25
C ASN A 154 3.18 4.76 -35.10
N ALA A 155 2.37 5.77 -34.79
CA ALA A 155 2.43 7.02 -35.54
C ALA A 155 3.58 7.85 -34.97
N ILE A 156 3.76 9.06 -35.50
CA ILE A 156 4.80 9.97 -35.04
C ILE A 156 4.26 11.37 -35.26
N GLY A 157 4.46 12.24 -34.28
CA GLY A 157 3.94 13.59 -34.42
C GLY A 157 2.43 13.62 -34.47
N VAL A 158 1.86 14.58 -33.75
CA VAL A 158 0.41 14.74 -33.70
C VAL A 158 0.10 16.22 -33.63
N LEU A 159 -0.84 16.66 -34.44
CA LEU A 159 -1.24 18.06 -34.44
C LEU A 159 -2.65 18.12 -33.91
N ILE A 160 -2.92 19.12 -33.05
CA ILE A 160 -4.25 19.29 -32.48
C ILE A 160 -4.78 20.67 -32.85
N TYR A 161 -5.96 20.72 -33.47
CA TYR A 161 -6.56 21.99 -33.86
C TYR A 161 -8.01 22.10 -33.43
N MET A 162 -8.49 23.33 -33.32
CA MET A 162 -9.87 23.56 -32.92
C MET A 162 -10.75 23.88 -34.14
N ASP A 163 -11.41 22.86 -34.69
CA ASP A 163 -12.27 23.05 -35.85
C ASP A 163 -13.35 24.11 -35.59
N GLN A 164 -14.02 24.52 -36.67
CA GLN A 164 -15.05 25.56 -36.58
C GLN A 164 -16.36 25.11 -35.94
N THR A 165 -16.84 23.92 -36.30
CA THR A 165 -18.10 23.40 -35.76
C THR A 165 -18.03 23.24 -34.23
N LYS A 166 -17.00 22.54 -33.77
CA LYS A 166 -16.79 22.28 -32.34
C LYS A 166 -16.36 23.56 -31.62
N PHE A 167 -15.53 24.36 -32.29
CA PHE A 167 -15.05 25.61 -31.71
C PHE A 167 -15.39 26.81 -32.57
N PRO A 168 -16.61 27.37 -32.38
CA PRO A 168 -17.16 28.52 -33.08
C PRO A 168 -16.45 29.83 -32.75
N ILE A 169 -15.14 29.84 -32.91
CA ILE A 169 -14.37 31.06 -32.63
C ILE A 169 -14.23 31.84 -33.94
N VAL A 170 -14.62 33.10 -33.91
CA VAL A 170 -14.52 33.95 -35.11
C VAL A 170 -13.10 33.97 -35.65
N ASN A 171 -12.13 34.19 -34.77
CA ASN A 171 -10.72 34.23 -35.14
C ASN A 171 -10.17 32.83 -35.37
N ALA A 172 -9.57 32.62 -36.56
CA ALA A 172 -9.00 31.33 -36.92
C ALA A 172 -7.49 31.38 -36.85
N GLU A 173 -6.96 32.51 -36.42
CA GLU A 173 -5.52 32.72 -36.27
C GLU A 173 -5.16 32.54 -34.80
N LEU A 174 -6.08 31.91 -34.06
CA LEU A 174 -5.90 31.68 -32.63
C LEU A 174 -5.22 30.35 -32.29
N SER A 175 -4.28 30.41 -31.35
CA SER A 175 -3.54 29.24 -30.89
C SER A 175 -3.77 28.95 -29.40
N PHE A 176 -3.77 27.66 -29.04
CA PHE A 176 -4.01 27.23 -27.68
C PHE A 176 -2.91 26.39 -27.04
N PHE A 177 -2.96 26.28 -25.71
CA PHE A 177 -1.98 25.55 -24.90
C PHE A 177 -2.35 24.10 -24.58
N GLY A 178 -1.35 23.21 -24.63
CA GLY A 178 -1.58 21.81 -24.38
C GLY A 178 -0.90 21.18 -23.18
N HIS A 179 -1.25 19.91 -22.94
CA HIS A 179 -0.72 19.15 -21.82
C HIS A 179 0.16 17.99 -22.28
N ALA A 180 -0.47 16.87 -22.65
CA ALA A 180 0.24 15.69 -23.16
C ALA A 180 0.72 14.60 -22.19
N HIS A 181 0.59 14.83 -20.88
CA HIS A 181 1.02 13.84 -19.90
C HIS A 181 -0.11 12.88 -19.53
N LEU A 182 0.09 11.61 -19.83
CA LEU A 182 -0.91 10.60 -19.53
C LEU A 182 -0.90 10.30 -18.03
N GLY A 183 -1.06 11.35 -17.23
CA GLY A 183 -1.04 11.16 -15.79
C GLY A 183 -1.41 12.43 -15.07
N THR A 184 -1.00 12.54 -13.82
CA THR A 184 -1.33 13.72 -13.02
C THR A 184 -0.13 14.21 -12.22
N GLY A 185 0.24 15.47 -12.41
CA GLY A 185 1.37 16.04 -11.69
C GLY A 185 2.71 15.81 -12.37
N ASP A 186 3.78 16.29 -11.73
CA ASP A 186 5.13 16.12 -12.26
C ASP A 186 5.31 14.68 -12.73
N PRO A 187 5.67 14.48 -13.99
CA PRO A 187 5.86 13.16 -14.58
C PRO A 187 7.16 12.44 -14.22
N TYR A 188 7.77 12.80 -13.10
CA TYR A 188 9.01 12.17 -12.68
C TYR A 188 8.99 11.81 -11.19
N THR A 189 7.88 12.16 -10.52
CA THR A 189 7.69 11.90 -9.10
C THR A 189 6.36 11.18 -8.87
N PRO A 190 6.14 10.01 -9.54
CA PRO A 190 4.93 9.16 -9.46
C PRO A 190 4.67 8.42 -8.14
N GLY A 191 3.82 9.01 -7.30
CA GLY A 191 3.49 8.41 -6.02
C GLY A 191 4.25 9.06 -4.87
N PHE A 192 5.47 9.48 -5.15
CA PHE A 192 6.31 10.11 -4.16
C PHE A 192 6.65 11.53 -4.58
N PRO A 193 6.72 12.48 -3.61
CA PRO A 193 7.04 13.88 -3.89
C PRO A 193 8.39 14.13 -4.55
N SER A 194 8.52 15.30 -5.17
CA SER A 194 9.73 15.71 -5.88
C SER A 194 10.70 16.44 -4.98
N PHE A 195 11.90 16.72 -5.50
CA PHE A 195 12.92 17.42 -4.73
C PHE A 195 13.48 18.60 -5.54
N ASN A 196 14.80 18.62 -5.68
CA ASN A 196 15.51 19.64 -6.46
C ASN A 196 15.74 19.00 -7.82
N HIS A 197 16.44 19.70 -8.71
CA HIS A 197 16.76 19.10 -10.00
C HIS A 197 18.14 18.54 -9.73
N THR A 198 18.89 19.27 -8.92
CA THR A 198 20.25 18.89 -8.54
C THR A 198 20.20 17.47 -7.99
N GLN A 199 19.09 17.16 -7.32
CA GLN A 199 18.88 15.84 -6.75
C GLN A 199 17.73 15.16 -7.47
N PHE A 200 17.88 13.87 -7.77
CA PHE A 200 16.83 13.12 -8.48
C PHE A 200 16.40 13.88 -9.74
N PRO A 201 17.23 13.86 -10.80
CA PRO A 201 16.88 14.58 -12.02
C PRO A 201 16.60 13.78 -13.29
N PRO A 202 15.91 12.62 -13.19
CA PRO A 202 15.67 11.87 -14.44
C PRO A 202 15.09 12.77 -15.53
N SER A 203 15.31 12.39 -16.80
CA SER A 203 14.85 13.17 -17.94
C SER A 203 13.34 13.09 -18.21
N ARG A 204 12.85 11.93 -18.63
CA ARG A 204 11.41 11.77 -18.89
C ARG A 204 11.00 10.37 -19.35
N SER A 205 10.01 10.32 -20.25
CA SER A 205 9.46 9.08 -20.82
C SER A 205 8.79 8.20 -19.76
N SER A 206 8.72 8.73 -18.54
CA SER A 206 8.11 8.03 -17.41
C SER A 206 6.60 8.23 -17.49
N GLY A 207 6.03 7.84 -18.64
CA GLY A 207 4.60 8.01 -18.86
C GLY A 207 4.37 9.22 -19.73
N LEU A 208 5.42 9.61 -20.46
CA LEU A 208 5.35 10.77 -21.35
C LEU A 208 5.47 10.36 -22.82
N PRO A 209 4.73 11.08 -23.70
CA PRO A 209 4.63 10.92 -25.15
C PRO A 209 5.71 10.14 -25.90
N ASN A 210 6.86 10.76 -26.12
CA ASN A 210 7.96 10.12 -26.86
C ASN A 210 7.64 10.31 -28.36
N ILE A 211 6.69 11.20 -28.61
CA ILE A 211 6.25 11.55 -29.95
C ILE A 211 5.89 13.02 -29.92
N PRO A 212 6.48 13.82 -30.82
CA PRO A 212 6.20 15.26 -30.84
C PRO A 212 4.72 15.58 -30.98
N VAL A 213 4.23 16.49 -30.17
CA VAL A 213 2.83 16.88 -30.21
C VAL A 213 2.78 18.39 -30.31
N GLN A 214 2.10 18.90 -31.33
CA GLN A 214 1.98 20.35 -31.50
C GLN A 214 0.57 20.86 -31.76
N THR A 215 0.19 21.91 -31.05
CA THR A 215 -1.12 22.51 -31.21
C THR A 215 -1.01 23.38 -32.47
N ILE A 216 -2.05 23.38 -33.29
CA ILE A 216 -2.08 24.15 -34.54
C ILE A 216 -3.32 25.02 -34.65
N SER A 217 -3.16 26.22 -35.21
CA SER A 217 -4.28 27.14 -35.38
C SER A 217 -5.21 26.69 -36.52
N ARG A 218 -6.51 26.92 -36.37
CA ARG A 218 -7.47 26.51 -37.39
C ARG A 218 -6.98 26.93 -38.77
N ALA A 219 -6.53 28.16 -38.86
CA ALA A 219 -6.01 28.70 -40.12
C ALA A 219 -4.99 27.73 -40.69
N ALA A 220 -4.02 27.33 -39.85
CA ALA A 220 -2.98 26.39 -40.26
C ALA A 220 -3.60 25.07 -40.69
N ALA A 221 -4.60 24.61 -39.95
CA ALA A 221 -5.28 23.38 -40.26
C ALA A 221 -5.84 23.50 -41.68
N GLU A 222 -6.50 24.63 -41.94
CA GLU A 222 -7.07 24.91 -43.25
C GLU A 222 -6.06 24.57 -44.33
N LYS A 223 -4.90 25.23 -44.26
CA LYS A 223 -3.83 25.03 -45.22
C LYS A 223 -3.40 23.58 -45.36
N LEU A 224 -3.26 22.88 -44.23
CA LEU A 224 -2.85 21.48 -44.29
C LEU A 224 -3.82 20.68 -45.17
N PHE A 225 -5.11 20.80 -44.85
CA PHE A 225 -6.16 20.13 -45.60
C PHE A 225 -6.08 20.54 -47.06
N GLY A 226 -5.64 21.79 -47.28
CA GLY A 226 -5.49 22.30 -48.63
C GLY A 226 -4.54 21.43 -49.44
N ASN A 227 -3.59 20.80 -48.77
CA ASN A 227 -2.63 19.94 -49.43
C ASN A 227 -2.90 18.47 -49.11
N MET A 228 -4.17 18.10 -49.15
CA MET A 228 -4.56 16.72 -48.87
C MET A 228 -5.61 16.24 -49.86
N GLU A 229 -5.41 15.03 -50.38
CA GLU A 229 -6.30 14.42 -51.37
C GLU A 229 -7.60 13.85 -50.75
N GLY A 230 -7.46 13.02 -49.71
CA GLY A 230 -8.62 12.42 -49.06
C GLY A 230 -9.77 13.38 -48.76
N ASP A 231 -10.95 12.84 -48.46
CA ASP A 231 -12.10 13.67 -48.15
C ASP A 231 -12.77 13.31 -46.83
N CYS A 232 -12.94 14.31 -45.97
CA CYS A 232 -13.55 14.15 -44.64
C CYS A 232 -14.98 13.61 -44.68
N PRO A 233 -15.25 12.53 -43.89
CA PRO A 233 -16.55 11.84 -43.77
C PRO A 233 -17.64 12.62 -43.04
N SER A 234 -18.88 12.16 -43.20
CA SER A 234 -20.04 12.77 -42.56
C SER A 234 -20.23 12.09 -41.21
N ASP A 235 -19.63 10.91 -41.07
CA ASP A 235 -19.69 10.15 -39.82
C ASP A 235 -19.20 11.16 -38.76
N TRP A 236 -18.09 11.82 -39.08
CA TRP A 236 -17.51 12.86 -38.21
C TRP A 236 -18.54 13.97 -38.10
N LYS A 237 -19.13 14.16 -36.93
CA LYS A 237 -20.12 15.21 -36.73
C LYS A 237 -19.40 16.56 -36.82
N THR A 238 -18.89 16.85 -38.02
CA THR A 238 -18.14 18.07 -38.29
C THR A 238 -18.80 18.77 -39.49
N ASP A 239 -18.00 19.54 -40.21
CA ASP A 239 -18.46 20.24 -41.40
C ASP A 239 -17.31 20.33 -42.39
N SER A 240 -17.66 20.41 -43.67
CA SER A 240 -16.72 20.50 -44.80
C SER A 240 -15.39 21.20 -44.57
N THR A 241 -14.48 21.03 -45.53
CA THR A 241 -13.14 21.62 -45.54
C THR A 241 -11.98 20.67 -45.29
N CYS A 242 -12.13 19.74 -44.35
CA CYS A 242 -11.03 18.81 -44.08
C CYS A 242 -10.94 17.59 -44.99
N ARG A 243 -9.72 17.07 -45.08
CA ARG A 243 -9.44 15.91 -45.90
C ARG A 243 -9.19 14.77 -44.92
N MET A 244 -8.57 13.70 -45.43
CA MET A 244 -8.24 12.56 -44.60
C MET A 244 -6.75 12.28 -44.68
N VAL A 245 -6.18 12.47 -45.86
CA VAL A 245 -4.74 12.25 -46.06
C VAL A 245 -4.18 13.33 -46.97
N THR A 246 -2.92 13.70 -46.74
CA THR A 246 -2.28 14.71 -47.57
C THR A 246 -2.15 14.15 -48.98
N SER A 247 -2.08 15.04 -49.95
CA SER A 247 -1.93 14.64 -51.34
C SER A 247 -0.56 13.98 -51.49
N GLU A 248 -0.58 12.70 -51.91
CA GLU A 248 0.63 11.91 -52.10
C GLU A 248 1.82 12.74 -52.58
N SER A 249 1.57 13.58 -53.59
CA SER A 249 2.60 14.44 -54.18
C SER A 249 3.60 14.96 -53.15
N LYS A 250 3.17 15.16 -51.91
CA LYS A 250 4.05 15.66 -50.88
C LYS A 250 3.54 15.42 -49.45
N ASN A 251 4.46 15.57 -48.48
CA ASN A 251 4.14 15.36 -47.07
C ASN A 251 4.43 16.59 -46.18
N VAL A 252 4.34 16.39 -44.87
CA VAL A 252 4.55 17.47 -43.91
C VAL A 252 5.60 17.13 -42.84
N LYS A 253 6.29 18.15 -42.35
CA LYS A 253 7.31 17.98 -41.33
C LYS A 253 7.01 18.77 -40.06
N LEU A 254 7.01 18.06 -38.93
CA LEU A 254 6.74 18.67 -37.62
C LEU A 254 8.03 18.81 -36.83
N THR A 255 8.29 20.03 -36.35
CA THR A 255 9.49 20.31 -35.58
C THR A 255 9.18 21.06 -34.27
N VAL A 256 9.29 20.33 -33.16
CA VAL A 256 9.02 20.91 -31.84
C VAL A 256 10.26 20.89 -30.95
N SER A 257 10.68 22.09 -30.55
CA SER A 257 11.82 22.25 -29.69
C SER A 257 11.37 22.91 -28.39
N ASN A 258 11.08 22.08 -27.40
CA ASN A 258 10.66 22.57 -26.10
C ASN A 258 11.68 22.12 -25.09
N VAL A 259 11.74 22.84 -23.98
CA VAL A 259 12.72 22.51 -22.95
C VAL A 259 12.08 22.45 -21.57
N LEU A 260 12.65 21.61 -20.70
CA LEU A 260 12.16 21.48 -19.34
C LEU A 260 12.66 22.67 -18.55
N LYS A 261 11.89 23.08 -17.55
CA LYS A 261 12.25 24.23 -16.74
C LYS A 261 11.77 24.08 -15.29
N GLU A 262 12.69 23.77 -14.39
CA GLU A 262 12.33 23.60 -12.99
C GLU A 262 11.76 24.90 -12.44
N ILE A 263 10.53 24.83 -11.95
CA ILE A 263 9.88 26.01 -11.40
C ILE A 263 9.51 25.76 -9.95
N LYS A 264 9.10 26.81 -9.25
CA LYS A 264 8.74 26.62 -7.87
C LYS A 264 7.25 26.85 -7.70
N ILE A 265 6.49 25.76 -7.62
CA ILE A 265 5.05 25.82 -7.44
C ILE A 265 4.72 26.28 -6.02
N LEU A 266 3.63 27.01 -5.86
CA LEU A 266 3.28 27.48 -4.54
C LEU A 266 1.81 27.28 -4.18
N ASN A 267 1.51 26.22 -3.44
CA ASN A 267 0.13 25.97 -3.02
C ASN A 267 -0.17 26.77 -1.76
N ILE A 268 -1.32 27.44 -1.73
CA ILE A 268 -1.69 28.25 -0.57
C ILE A 268 -2.91 27.69 0.15
N PHE A 269 -2.76 27.39 1.44
CA PHE A 269 -3.86 26.83 2.22
C PHE A 269 -4.53 27.83 3.15
N GLY A 270 -5.26 27.31 4.12
CA GLY A 270 -5.97 28.16 5.07
C GLY A 270 -7.19 27.38 5.55
N VAL A 271 -7.23 27.06 6.83
CA VAL A 271 -8.34 26.27 7.38
C VAL A 271 -9.25 27.02 8.34
N ILE A 272 -10.33 26.34 8.73
CA ILE A 272 -11.29 26.87 9.68
C ILE A 272 -11.54 25.75 10.68
N LYS A 273 -10.69 25.67 11.70
CA LYS A 273 -10.78 24.63 12.73
C LYS A 273 -12.23 24.29 13.12
N GLY A 274 -12.52 22.99 13.24
CA GLY A 274 -13.85 22.56 13.63
C GLY A 274 -14.04 22.63 15.14
N PHE A 275 -15.19 22.20 15.63
CA PHE A 275 -15.45 22.27 17.07
C PHE A 275 -15.52 20.94 17.80
N VAL A 276 -15.69 19.84 17.06
CA VAL A 276 -15.79 18.52 17.68
C VAL A 276 -14.81 17.51 17.08
N GLU A 277 -14.63 17.56 15.77
CA GLU A 277 -13.69 16.68 15.06
C GLU A 277 -12.73 17.60 14.32
N PRO A 278 -12.15 18.59 15.03
CA PRO A 278 -11.22 19.55 14.44
C PRO A 278 -10.19 18.98 13.49
N ASP A 279 -9.92 17.69 13.62
CA ASP A 279 -8.91 17.08 12.76
C ASP A 279 -9.41 16.28 11.56
N HIS A 280 -10.66 16.50 11.18
CA HIS A 280 -11.25 15.84 10.02
C HIS A 280 -11.65 17.01 9.11
N TYR A 281 -10.96 17.12 7.98
CA TYR A 281 -11.18 18.23 7.07
C TYR A 281 -12.04 17.96 5.83
N VAL A 282 -12.39 19.04 5.14
CA VAL A 282 -13.17 19.02 3.90
C VAL A 282 -12.37 19.87 2.93
N VAL A 283 -11.45 19.27 2.20
CA VAL A 283 -10.63 20.03 1.27
C VAL A 283 -11.40 20.69 0.12
N VAL A 284 -11.35 22.02 0.04
CA VAL A 284 -12.01 22.79 -1.02
C VAL A 284 -10.91 23.44 -1.87
N GLY A 285 -10.66 22.87 -3.04
CA GLY A 285 -9.61 23.40 -3.89
C GLY A 285 -10.01 24.23 -5.10
N ALA A 286 -9.01 24.81 -5.76
CA ALA A 286 -9.21 25.65 -6.94
C ALA A 286 -7.90 26.02 -7.65
N GLN A 287 -7.74 25.53 -8.87
CA GLN A 287 -6.55 25.83 -9.67
C GLN A 287 -6.34 27.34 -9.74
N ARG A 288 -5.11 27.77 -9.56
CA ARG A 288 -4.79 29.19 -9.56
C ARG A 288 -3.90 29.65 -10.71
N ASP A 289 -3.21 28.72 -11.37
CA ASP A 289 -2.36 29.11 -12.47
C ASP A 289 -3.11 28.96 -13.77
N ALA A 290 -2.51 29.43 -14.86
CA ALA A 290 -3.14 29.34 -16.18
C ALA A 290 -2.18 29.81 -17.27
N TRP A 291 -2.37 29.32 -18.49
CA TRP A 291 -1.50 29.72 -19.60
C TRP A 291 -1.85 31.15 -20.03
N GLY A 292 -3.07 31.33 -20.54
CA GLY A 292 -3.48 32.65 -20.93
C GLY A 292 -3.94 33.37 -19.69
N PRO A 293 -4.93 34.26 -19.79
CA PRO A 293 -5.39 34.97 -18.60
C PRO A 293 -6.32 34.05 -17.83
N GLY A 294 -6.71 32.95 -18.50
CA GLY A 294 -7.59 31.95 -17.92
C GLY A 294 -8.64 32.43 -16.94
N ALA A 295 -9.47 33.37 -17.38
CA ALA A 295 -10.52 33.89 -16.51
C ALA A 295 -11.47 32.75 -16.16
N ALA A 296 -11.65 31.83 -17.11
CA ALA A 296 -12.52 30.68 -16.90
C ALA A 296 -11.72 29.55 -16.27
N LYS A 297 -10.69 29.13 -16.99
CA LYS A 297 -9.80 28.05 -16.53
C LYS A 297 -9.33 28.25 -15.09
N SER A 298 -9.08 29.49 -14.70
CA SER A 298 -8.58 29.75 -13.35
C SER A 298 -9.23 30.90 -12.58
N GLY A 299 -9.79 31.87 -13.28
CA GLY A 299 -10.41 32.99 -12.61
C GLY A 299 -11.58 32.62 -11.70
N VAL A 300 -12.71 32.27 -12.31
CA VAL A 300 -13.94 31.90 -11.60
C VAL A 300 -13.64 31.02 -10.38
N GLY A 301 -12.78 30.02 -10.58
CA GLY A 301 -12.42 29.13 -9.49
C GLY A 301 -11.85 29.88 -8.29
N THR A 302 -10.64 30.42 -8.46
CA THR A 302 -9.99 31.15 -7.40
C THR A 302 -10.91 32.22 -6.86
N ALA A 303 -11.76 32.74 -7.75
CA ALA A 303 -12.72 33.78 -7.40
C ALA A 303 -13.67 33.24 -6.32
N LEU A 304 -14.21 32.06 -6.60
CA LEU A 304 -15.12 31.39 -5.69
C LEU A 304 -14.38 30.97 -4.42
N LEU A 305 -13.21 30.36 -4.59
CA LEU A 305 -12.40 29.90 -3.47
C LEU A 305 -12.30 30.99 -2.42
N LEU A 306 -11.89 32.18 -2.87
CA LEU A 306 -11.73 33.32 -1.98
C LEU A 306 -13.06 33.73 -1.36
N LYS A 307 -14.01 34.11 -2.21
CA LYS A 307 -15.33 34.54 -1.73
C LYS A 307 -16.00 33.51 -0.84
N LEU A 308 -15.75 32.24 -1.15
CA LEU A 308 -16.32 31.13 -0.41
C LEU A 308 -15.64 30.98 0.95
N ALA A 309 -14.35 31.26 1.01
CA ALA A 309 -13.62 31.17 2.26
C ALA A 309 -14.01 32.37 3.11
N GLN A 310 -14.21 33.50 2.45
CA GLN A 310 -14.59 34.74 3.12
C GLN A 310 -15.87 34.56 3.89
N MET A 311 -16.81 33.83 3.31
CA MET A 311 -18.11 33.61 3.94
C MET A 311 -18.10 32.74 5.19
N PHE A 312 -17.62 31.51 5.04
CA PHE A 312 -17.60 30.60 6.17
C PHE A 312 -16.89 31.16 7.39
N SER A 313 -15.73 31.77 7.18
CA SER A 313 -15.00 32.35 8.29
C SER A 313 -15.95 33.33 8.97
N ASP A 314 -16.55 34.20 8.16
CA ASP A 314 -17.48 35.21 8.65
C ASP A 314 -18.59 34.54 9.44
N MET A 315 -19.23 33.56 8.82
CA MET A 315 -20.32 32.83 9.47
C MET A 315 -19.92 32.28 10.82
N VAL A 316 -18.68 31.80 10.91
CA VAL A 316 -18.18 31.22 12.15
C VAL A 316 -18.01 32.26 13.26
N LEU A 317 -17.46 33.42 12.91
CA LEU A 317 -17.23 34.48 13.89
C LEU A 317 -18.49 35.28 14.23
N LYS A 318 -19.13 35.83 13.20
CA LYS A 318 -20.32 36.66 13.40
C LYS A 318 -21.66 35.93 13.55
N ASP A 319 -21.96 35.01 12.65
CA ASP A 319 -23.25 34.30 12.66
C ASP A 319 -23.46 33.11 13.57
N GLY A 320 -22.40 32.66 14.25
CA GLY A 320 -22.53 31.55 15.18
C GLY A 320 -22.46 30.13 14.61
N PHE A 321 -22.04 30.01 13.36
CA PHE A 321 -21.92 28.72 12.69
C PHE A 321 -20.79 27.92 13.34
N GLN A 322 -21.10 26.74 13.85
CA GLN A 322 -20.09 25.91 14.52
C GLN A 322 -19.76 24.59 13.82
N PRO A 323 -19.14 24.64 12.64
CA PRO A 323 -18.78 23.44 11.88
C PRO A 323 -18.16 22.38 12.79
N SER A 324 -18.79 21.21 12.86
CA SER A 324 -18.26 20.15 13.70
C SER A 324 -16.92 19.63 13.20
N ARG A 325 -16.65 19.86 11.91
CA ARG A 325 -15.37 19.44 11.32
C ARG A 325 -14.76 20.59 10.56
N SER A 326 -13.45 20.72 10.66
CA SER A 326 -12.75 21.82 10.00
C SER A 326 -12.83 21.83 8.48
N ILE A 327 -12.73 23.03 7.92
CA ILE A 327 -12.76 23.27 6.50
C ILE A 327 -11.38 23.77 6.13
N ILE A 328 -10.86 23.34 4.99
CA ILE A 328 -9.53 23.76 4.53
C ILE A 328 -9.51 24.12 3.05
N PHE A 329 -9.48 25.41 2.74
CA PHE A 329 -9.46 25.87 1.37
C PHE A 329 -8.05 25.79 0.82
N ALA A 330 -7.91 25.49 -0.47
CA ALA A 330 -6.58 25.36 -1.07
C ALA A 330 -6.54 25.79 -2.53
N SER A 331 -5.63 26.71 -2.84
CA SER A 331 -5.48 27.21 -4.21
C SER A 331 -4.22 26.61 -4.82
N TRP A 332 -4.38 25.53 -5.59
CA TRP A 332 -3.24 24.86 -6.20
C TRP A 332 -2.61 25.67 -7.30
N SER A 333 -1.48 25.17 -7.81
CA SER A 333 -0.75 25.84 -8.88
C SER A 333 -0.18 24.79 -9.80
N ALA A 334 0.42 25.22 -10.90
CA ALA A 334 1.00 24.29 -11.87
C ALA A 334 -0.05 23.27 -12.27
N GLY A 335 -1.31 23.70 -12.21
CA GLY A 335 -2.42 22.83 -12.55
C GLY A 335 -2.56 22.53 -14.03
N ASP A 336 -2.11 23.44 -14.88
CA ASP A 336 -2.21 23.23 -16.33
C ASP A 336 -1.36 22.05 -16.78
N PHE A 337 -0.52 21.52 -15.89
CA PHE A 337 0.33 20.42 -16.26
C PHE A 337 -0.07 19.11 -15.61
N GLY A 338 -1.33 19.03 -15.18
CA GLY A 338 -1.81 17.81 -14.56
C GLY A 338 -2.04 17.90 -13.07
N SER A 339 -2.50 19.07 -12.61
CA SER A 339 -2.76 19.27 -11.21
C SER A 339 -1.48 19.08 -10.41
N VAL A 340 -0.34 19.21 -11.10
CA VAL A 340 0.98 19.05 -10.49
C VAL A 340 1.07 19.64 -9.09
N GLY A 341 0.36 20.73 -8.85
CA GLY A 341 0.39 21.34 -7.54
C GLY A 341 -0.37 20.50 -6.53
N ALA A 342 -1.66 20.27 -6.79
CA ALA A 342 -2.49 19.49 -5.89
C ALA A 342 -2.04 18.03 -5.80
N THR A 343 -1.64 17.44 -6.92
CA THR A 343 -1.21 16.06 -6.91
C THR A 343 -0.01 15.84 -5.99
N GLU A 344 1.08 16.59 -6.21
CA GLU A 344 2.28 16.42 -5.38
C GLU A 344 2.01 16.72 -3.91
N TRP A 345 0.89 17.38 -3.62
CA TRP A 345 0.55 17.63 -2.23
C TRP A 345 0.11 16.26 -1.72
N LEU A 346 -0.86 15.68 -2.43
CA LEU A 346 -1.39 14.37 -2.10
C LEU A 346 -0.23 13.39 -2.03
N GLU A 347 0.63 13.41 -3.05
CA GLU A 347 1.79 12.53 -3.09
C GLU A 347 2.43 12.55 -1.68
N GLY A 348 2.25 13.67 -0.99
CA GLY A 348 2.81 13.89 0.33
C GLY A 348 2.24 13.08 1.48
N TYR A 349 0.95 12.76 1.42
CA TYR A 349 0.31 11.97 2.47
C TYR A 349 -0.17 10.65 1.85
N LEU A 350 0.75 9.96 1.20
CA LEU A 350 0.46 8.71 0.49
C LEU A 350 -0.36 7.67 1.23
N SER A 351 -0.35 7.71 2.56
CA SER A 351 -1.11 6.71 3.30
C SER A 351 -1.78 7.21 4.56
N SER A 352 -2.10 8.50 4.59
CA SER A 352 -2.72 9.08 5.77
C SER A 352 -3.73 10.16 5.48
N LEU A 353 -3.69 10.73 4.28
CA LEU A 353 -4.63 11.80 3.95
C LEU A 353 -6.07 11.42 4.23
N HIS A 354 -6.44 10.19 3.89
CA HIS A 354 -7.81 9.74 4.10
C HIS A 354 -8.16 9.73 5.58
N LEU A 355 -7.14 9.70 6.42
CA LEU A 355 -7.34 9.72 7.85
C LEU A 355 -7.63 11.16 8.26
N LYS A 356 -7.39 12.08 7.33
CA LYS A 356 -7.56 13.50 7.57
C LYS A 356 -8.66 14.18 6.77
N ALA A 357 -8.54 14.13 5.45
CA ALA A 357 -9.55 14.75 4.58
C ALA A 357 -10.60 13.72 4.24
N PHE A 358 -11.86 14.03 4.51
CA PHE A 358 -12.92 13.08 4.22
C PHE A 358 -13.74 13.35 2.96
N THR A 359 -13.46 14.47 2.31
CA THR A 359 -14.14 14.87 1.08
C THR A 359 -13.44 16.03 0.39
N TYR A 360 -13.33 15.95 -0.93
CA TYR A 360 -12.68 17.02 -1.67
C TYR A 360 -13.60 17.63 -2.70
N ILE A 361 -13.92 18.90 -2.52
CA ILE A 361 -14.77 19.63 -3.46
C ILE A 361 -13.80 20.33 -4.40
N ASN A 362 -14.27 20.75 -5.57
CA ASN A 362 -13.37 21.39 -6.51
C ASN A 362 -14.13 22.46 -7.28
N LEU A 363 -13.63 23.68 -7.26
CA LEU A 363 -14.31 24.78 -7.92
C LEU A 363 -13.84 25.11 -9.32
N ASP A 364 -12.83 24.39 -9.82
CA ASP A 364 -12.31 24.63 -11.17
C ASP A 364 -13.42 24.63 -12.21
N LYS A 365 -13.29 25.50 -13.22
CA LYS A 365 -14.26 25.61 -14.29
C LYS A 365 -15.69 25.48 -13.80
N ALA A 366 -16.02 26.15 -12.70
CA ALA A 366 -17.37 26.05 -12.15
C ALA A 366 -18.42 26.73 -13.02
N VAL A 367 -18.06 27.84 -13.66
CA VAL A 367 -19.01 28.56 -14.50
C VAL A 367 -18.50 28.63 -15.93
N LEU A 368 -19.23 28.00 -16.84
CA LEU A 368 -18.87 28.00 -18.26
C LEU A 368 -20.09 28.24 -19.15
N GLY A 369 -21.27 28.27 -18.55
CA GLY A 369 -22.49 28.47 -19.31
C GLY A 369 -23.69 28.71 -18.42
N THR A 370 -24.88 28.44 -18.94
CA THR A 370 -26.11 28.62 -18.17
C THR A 370 -27.21 27.66 -18.60
N SER A 371 -26.84 26.63 -19.36
CA SER A 371 -27.82 25.66 -19.84
C SER A 371 -27.91 24.43 -18.95
N ASN A 372 -26.84 23.63 -18.96
CA ASN A 372 -26.80 22.40 -18.19
C ASN A 372 -26.14 22.57 -16.83
N PHE A 373 -26.03 21.46 -16.11
CA PHE A 373 -25.40 21.44 -14.80
C PHE A 373 -24.78 20.08 -14.57
N LYS A 374 -23.73 19.78 -15.33
CA LYS A 374 -23.01 18.52 -15.21
C LYS A 374 -22.48 18.40 -13.77
N VAL A 375 -22.33 17.16 -13.29
CA VAL A 375 -21.82 16.92 -11.95
C VAL A 375 -21.11 15.59 -11.94
N SER A 376 -19.87 15.58 -11.47
CA SER A 376 -19.10 14.36 -11.40
C SER A 376 -18.63 14.17 -9.96
N ALA A 377 -18.78 12.95 -9.46
CA ALA A 377 -18.37 12.67 -8.10
C ALA A 377 -18.36 11.19 -7.76
N SER A 378 -17.89 10.88 -6.55
CA SER A 378 -17.84 9.52 -6.08
C SER A 378 -19.22 9.19 -5.55
N PRO A 379 -19.71 8.00 -5.86
CA PRO A 379 -21.04 7.63 -5.37
C PRO A 379 -21.29 7.99 -3.90
N LEU A 380 -20.21 8.17 -3.14
CA LEU A 380 -20.36 8.50 -1.73
C LEU A 380 -20.98 9.86 -1.50
N LEU A 381 -20.95 10.70 -2.52
CA LEU A 381 -21.51 12.04 -2.39
C LEU A 381 -22.76 12.17 -3.25
N TYR A 382 -23.26 11.05 -3.74
CA TYR A 382 -24.43 11.05 -4.60
C TYR A 382 -25.67 11.72 -4.01
N THR A 383 -26.04 11.30 -2.81
CA THR A 383 -27.21 11.87 -2.15
C THR A 383 -27.05 13.35 -1.78
N LEU A 384 -25.81 13.79 -1.59
CA LEU A 384 -25.57 15.18 -1.26
C LEU A 384 -25.78 16.01 -2.51
N ILE A 385 -25.21 15.54 -3.61
CA ILE A 385 -25.36 16.25 -4.88
C ILE A 385 -26.84 16.36 -5.13
N GLU A 386 -27.55 15.24 -5.00
CA GLU A 386 -28.98 15.22 -5.22
C GLU A 386 -29.73 16.21 -4.34
N LYS A 387 -29.86 15.91 -3.06
CA LYS A 387 -30.57 16.79 -2.15
C LYS A 387 -30.17 18.26 -2.24
N THR A 388 -28.96 18.53 -2.71
CA THR A 388 -28.52 19.92 -2.84
C THR A 388 -29.11 20.54 -4.10
N MET A 389 -29.10 19.79 -5.20
CA MET A 389 -29.65 20.26 -6.46
C MET A 389 -31.15 20.47 -6.27
N GLN A 390 -31.64 20.07 -5.10
CA GLN A 390 -33.05 20.22 -4.77
C GLN A 390 -33.23 21.44 -3.92
N ASN A 391 -32.10 22.08 -3.56
CA ASN A 391 -32.13 23.28 -2.72
C ASN A 391 -31.64 24.53 -3.46
N VAL A 392 -30.83 24.32 -4.50
CA VAL A 392 -30.27 25.43 -5.26
C VAL A 392 -31.05 25.67 -6.57
N LYS A 393 -31.46 26.92 -6.77
CA LYS A 393 -32.20 27.30 -7.96
C LYS A 393 -31.29 27.86 -9.03
N HIS A 394 -31.48 27.40 -10.26
CA HIS A 394 -30.70 27.85 -11.40
C HIS A 394 -30.60 29.37 -11.40
N PRO A 395 -29.44 29.92 -11.78
CA PRO A 395 -29.31 31.39 -11.79
C PRO A 395 -30.21 32.09 -12.81
N VAL A 396 -30.34 31.48 -13.99
CA VAL A 396 -31.18 32.03 -15.06
C VAL A 396 -32.65 31.64 -14.87
N THR A 397 -32.92 30.34 -14.91
CA THR A 397 -34.27 29.79 -14.71
C THR A 397 -34.64 29.94 -13.25
N GLY A 398 -35.87 30.36 -12.95
CA GLY A 398 -36.24 30.50 -11.56
C GLY A 398 -36.41 29.15 -10.85
N GLN A 399 -36.36 28.07 -11.63
CA GLN A 399 -36.55 26.71 -11.12
C GLN A 399 -35.31 26.08 -10.49
N PHE A 400 -35.54 25.02 -9.70
CA PHE A 400 -34.46 24.29 -9.03
C PHE A 400 -33.62 23.48 -10.02
N LEU A 401 -32.37 23.23 -9.63
CA LEU A 401 -31.42 22.49 -10.46
C LEU A 401 -31.85 21.04 -10.73
N TYR A 402 -32.46 20.41 -9.73
CA TYR A 402 -32.90 19.01 -9.83
C TYR A 402 -34.10 18.73 -10.74
N GLN A 403 -33.91 17.85 -11.71
CA GLN A 403 -34.98 17.48 -12.63
C GLN A 403 -35.98 16.56 -11.93
N ASP A 404 -37.06 17.16 -11.43
CA ASP A 404 -38.11 16.47 -10.70
C ASP A 404 -38.74 15.25 -11.39
N SER A 405 -38.50 15.09 -12.69
CA SER A 405 -39.07 13.97 -13.43
C SER A 405 -38.33 12.64 -13.28
N ASN A 406 -37.25 12.64 -12.51
CA ASN A 406 -36.49 11.40 -12.34
C ASN A 406 -36.35 11.03 -10.87
N TRP A 407 -35.84 9.82 -10.63
CA TRP A 407 -35.61 9.34 -9.27
C TRP A 407 -34.15 8.94 -9.26
N ALA A 408 -33.58 8.86 -10.46
CA ALA A 408 -32.20 8.50 -10.67
C ALA A 408 -31.53 9.56 -11.50
N SER A 409 -30.77 10.43 -10.84
CA SER A 409 -30.05 11.54 -11.49
C SER A 409 -28.78 11.06 -12.19
N LYS A 410 -28.21 11.90 -13.05
CA LYS A 410 -27.01 11.54 -13.76
C LYS A 410 -25.76 12.08 -13.11
N VAL A 411 -24.82 11.19 -12.80
CA VAL A 411 -23.56 11.61 -12.21
C VAL A 411 -22.47 11.07 -13.10
N GLU A 412 -21.52 11.93 -13.43
CA GLU A 412 -20.43 11.60 -14.34
C GLU A 412 -19.16 11.14 -13.62
N LYS A 413 -18.34 10.35 -14.30
CA LYS A 413 -17.11 9.85 -13.72
C LYS A 413 -16.03 10.95 -13.79
N LEU A 414 -15.10 10.96 -12.82
CA LEU A 414 -14.03 11.96 -12.82
C LEU A 414 -12.98 11.59 -13.87
N THR A 415 -12.54 12.58 -14.62
CA THR A 415 -11.54 12.37 -15.67
C THR A 415 -10.11 12.75 -15.28
N LEU A 416 -9.17 12.06 -15.94
CA LEU A 416 -7.75 12.26 -15.74
C LEU A 416 -7.37 13.73 -15.66
N ASP A 417 -8.21 14.59 -16.22
CA ASP A 417 -7.89 16.02 -16.23
C ASP A 417 -8.66 16.84 -15.20
N ASN A 418 -8.91 16.25 -14.03
CA ASN A 418 -9.62 17.00 -12.99
C ASN A 418 -8.97 16.83 -11.63
N ALA A 419 -8.48 17.93 -11.06
CA ALA A 419 -7.83 17.94 -9.76
C ALA A 419 -8.53 17.02 -8.79
N ALA A 420 -9.83 16.86 -8.96
CA ALA A 420 -10.58 15.99 -8.07
C ALA A 420 -10.22 14.52 -8.34
N PHE A 421 -9.94 14.17 -9.59
CA PHE A 421 -9.60 12.80 -9.92
C PHE A 421 -8.50 12.23 -9.05
N PRO A 422 -7.36 12.94 -8.92
CA PRO A 422 -6.28 12.41 -8.09
C PRO A 422 -6.73 12.15 -6.66
N PHE A 423 -7.45 13.12 -6.07
CA PHE A 423 -7.93 12.96 -4.70
C PHE A 423 -8.71 11.67 -4.50
N LEU A 424 -9.48 11.28 -5.51
CA LEU A 424 -10.28 10.07 -5.45
C LEU A 424 -9.63 8.81 -5.99
N ALA A 425 -8.95 8.90 -7.12
CA ALA A 425 -8.30 7.75 -7.73
C ALA A 425 -6.94 7.40 -7.15
N TYR A 426 -6.31 8.36 -6.46
CA TYR A 426 -4.98 8.15 -5.86
C TYR A 426 -4.91 8.21 -4.35
N SER A 427 -5.57 9.19 -3.76
CA SER A 427 -5.57 9.35 -2.31
C SER A 427 -6.77 8.71 -1.62
N GLY A 428 -7.71 8.21 -2.39
CA GLY A 428 -8.87 7.57 -1.80
C GLY A 428 -9.81 8.51 -1.04
N ILE A 429 -9.92 9.73 -1.52
CA ILE A 429 -10.79 10.71 -0.89
C ILE A 429 -11.99 10.91 -1.79
N PRO A 430 -13.20 10.78 -1.26
CA PRO A 430 -14.36 11.00 -2.12
C PRO A 430 -14.38 12.46 -2.57
N ALA A 431 -14.65 12.69 -3.85
CA ALA A 431 -14.65 14.06 -4.36
C ALA A 431 -15.74 14.40 -5.36
N VAL A 432 -16.32 15.57 -5.20
CA VAL A 432 -17.36 16.06 -6.09
C VAL A 432 -16.75 17.11 -7.01
N SER A 433 -17.44 17.44 -8.10
CA SER A 433 -16.92 18.43 -9.04
C SER A 433 -18.02 18.91 -10.00
N PHE A 434 -18.74 19.96 -9.61
CA PHE A 434 -19.83 20.45 -10.45
C PHE A 434 -19.42 21.46 -11.52
N CYS A 435 -20.33 21.71 -12.46
CA CYS A 435 -20.08 22.60 -13.58
C CYS A 435 -21.37 23.13 -14.21
N PHE A 436 -21.50 24.45 -14.32
CA PHE A 436 -22.67 25.00 -14.98
C PHE A 436 -22.35 24.96 -16.47
N CYS A 437 -21.90 23.80 -16.90
CA CYS A 437 -21.51 23.48 -18.27
C CYS A 437 -22.51 23.80 -19.38
N GLU A 438 -22.08 23.57 -20.62
CA GLU A 438 -22.89 23.79 -21.82
C GLU A 438 -22.71 22.58 -22.73
N ASP A 439 -23.65 22.36 -23.66
CA ASP A 439 -23.55 21.22 -24.57
C ASP A 439 -22.20 21.22 -25.30
N THR A 440 -21.68 22.42 -25.52
CA THR A 440 -20.40 22.59 -26.19
C THR A 440 -19.43 23.20 -25.18
N ASP A 441 -18.22 22.64 -25.12
CA ASP A 441 -17.20 23.13 -24.20
C ASP A 441 -16.69 24.52 -24.61
N TYR A 442 -16.45 25.35 -23.59
CA TYR A 442 -15.93 26.71 -23.79
C TYR A 442 -14.80 26.63 -24.80
N PRO A 443 -14.81 27.49 -25.82
CA PRO A 443 -13.76 27.49 -26.85
C PRO A 443 -12.44 28.14 -26.44
N TYR A 444 -12.55 29.35 -25.91
CA TYR A 444 -11.39 30.14 -25.48
C TYR A 444 -10.58 29.48 -24.36
N LEU A 445 -11.13 28.40 -23.80
CA LEU A 445 -10.52 27.68 -22.69
C LEU A 445 -8.99 27.63 -22.65
N GLY A 446 -8.39 26.81 -23.51
CA GLY A 446 -6.94 26.69 -23.51
C GLY A 446 -6.16 27.73 -24.31
N THR A 447 -6.77 28.89 -24.57
CA THR A 447 -6.10 29.92 -25.35
C THR A 447 -6.10 31.30 -24.72
N THR A 448 -5.28 32.18 -25.29
CA THR A 448 -5.12 33.56 -24.83
C THR A 448 -6.41 34.37 -24.83
N MET A 449 -7.50 33.71 -25.22
CA MET A 449 -8.79 34.39 -25.31
C MET A 449 -9.66 34.24 -24.06
N ASP A 450 -9.17 33.47 -23.08
CA ASP A 450 -9.90 33.25 -21.85
C ASP A 450 -9.98 34.52 -20.99
N THR A 451 -10.35 35.64 -21.63
CA THR A 451 -10.43 36.91 -20.92
C THR A 451 -11.74 37.11 -20.18
N TYR A 452 -11.71 37.94 -19.14
CA TYR A 452 -12.90 38.24 -18.35
C TYR A 452 -13.93 38.91 -19.23
N LYS A 453 -13.46 39.53 -20.30
CA LYS A 453 -14.34 40.21 -21.23
C LYS A 453 -15.10 39.20 -22.08
N GLU A 454 -14.39 38.55 -23.01
CA GLU A 454 -15.03 37.58 -23.89
C GLU A 454 -15.88 36.59 -23.10
N LEU A 455 -15.60 36.46 -21.79
CA LEU A 455 -16.39 35.55 -20.96
C LEU A 455 -17.75 36.20 -20.73
N ILE A 456 -17.73 37.29 -19.97
CA ILE A 456 -18.95 38.01 -19.64
C ILE A 456 -19.70 38.46 -20.91
N GLU A 457 -19.02 38.49 -22.04
CA GLU A 457 -19.66 38.87 -23.30
C GLU A 457 -20.44 37.64 -23.73
N ARG A 458 -20.03 36.48 -23.22
CA ARG A 458 -20.66 35.21 -23.55
C ARG A 458 -21.48 34.62 -22.41
N ILE A 459 -21.66 35.37 -21.33
CA ILE A 459 -22.42 34.87 -20.19
C ILE A 459 -22.87 36.02 -19.28
N PRO A 460 -23.52 37.04 -19.88
CA PRO A 460 -24.05 38.27 -19.27
C PRO A 460 -24.25 38.30 -17.76
N GLU A 461 -24.95 37.32 -17.21
CA GLU A 461 -25.21 37.31 -15.77
C GLU A 461 -24.19 36.45 -15.00
N LEU A 462 -22.95 36.41 -15.49
CA LEU A 462 -21.89 35.64 -14.86
C LEU A 462 -21.91 35.73 -13.34
N ASN A 463 -22.37 36.86 -12.80
CA ASN A 463 -22.41 37.02 -11.35
C ASN A 463 -23.40 36.03 -10.73
N LYS A 464 -24.65 36.08 -11.16
CA LYS A 464 -25.68 35.16 -10.62
C LYS A 464 -25.27 33.70 -10.78
N VAL A 465 -24.72 33.35 -11.94
CA VAL A 465 -24.29 31.99 -12.19
C VAL A 465 -23.23 31.59 -11.17
N ALA A 466 -22.13 32.34 -11.12
CA ALA A 466 -21.06 32.07 -10.18
C ALA A 466 -21.65 31.94 -8.78
N ARG A 467 -22.63 32.78 -8.47
CA ARG A 467 -23.26 32.74 -7.15
C ARG A 467 -23.83 31.36 -6.89
N ALA A 468 -24.61 30.86 -7.84
CA ALA A 468 -25.21 29.53 -7.69
C ALA A 468 -24.11 28.52 -7.41
N ALA A 469 -23.11 28.47 -8.29
CA ALA A 469 -21.99 27.56 -8.12
C ALA A 469 -21.43 27.70 -6.71
N ALA A 470 -21.28 28.94 -6.26
CA ALA A 470 -20.77 29.17 -4.93
C ALA A 470 -21.76 28.73 -3.89
N GLU A 471 -23.02 28.52 -4.29
CA GLU A 471 -24.02 28.08 -3.33
C GLU A 471 -24.01 26.56 -3.18
N VAL A 472 -24.00 25.84 -4.30
CA VAL A 472 -23.97 24.37 -4.22
C VAL A 472 -22.68 23.98 -3.51
N ALA A 473 -21.59 24.68 -3.81
CA ALA A 473 -20.31 24.41 -3.18
C ALA A 473 -20.44 24.67 -1.68
N GLY A 474 -21.14 25.75 -1.33
CA GLY A 474 -21.31 26.11 0.05
C GLY A 474 -22.10 25.09 0.85
N GLN A 475 -23.26 24.72 0.33
CA GLN A 475 -24.10 23.73 1.02
C GLN A 475 -23.33 22.44 1.25
N PHE A 476 -22.60 21.99 0.24
CA PHE A 476 -21.80 20.78 0.34
C PHE A 476 -21.01 20.89 1.65
N VAL A 477 -20.30 22.01 1.79
CA VAL A 477 -19.50 22.26 2.98
C VAL A 477 -20.34 22.31 4.25
N ILE A 478 -21.40 23.11 4.25
CA ILE A 478 -22.23 23.18 5.44
C ILE A 478 -22.72 21.79 5.81
N LYS A 479 -23.25 21.09 4.80
CA LYS A 479 -23.77 19.74 4.98
C LYS A 479 -22.73 18.76 5.51
N LEU A 480 -21.56 18.74 4.89
CA LEU A 480 -20.51 17.81 5.31
C LEU A 480 -19.93 18.15 6.67
N THR A 481 -20.45 19.20 7.30
CA THR A 481 -19.96 19.63 8.62
C THR A 481 -21.05 19.88 9.68
N HIS A 482 -22.11 20.58 9.29
CA HIS A 482 -23.25 20.91 10.16
C HIS A 482 -23.57 19.87 11.24
N ASP A 483 -23.82 18.63 10.81
CA ASP A 483 -24.19 17.54 11.72
C ASP A 483 -23.03 16.73 12.26
N VAL A 484 -23.30 15.98 13.32
CA VAL A 484 -22.31 15.15 13.98
C VAL A 484 -22.01 13.83 13.26
N GLU A 485 -22.97 13.34 12.47
CA GLU A 485 -22.80 12.11 11.73
C GLU A 485 -22.14 12.43 10.40
N LEU A 486 -21.04 11.76 10.07
CA LEU A 486 -20.38 11.99 8.80
C LEU A 486 -21.30 11.43 7.70
N ASN A 487 -21.92 12.30 6.93
CA ASN A 487 -22.86 11.87 5.91
C ASN A 487 -22.32 11.49 4.54
N LEU A 488 -21.85 10.25 4.40
CA LEU A 488 -21.35 9.75 3.14
C LEU A 488 -22.12 8.47 2.79
N ASP A 489 -22.51 8.35 1.53
CA ASP A 489 -23.28 7.20 1.06
C ASP A 489 -22.46 5.93 0.89
N TYR A 490 -21.99 5.34 1.97
CA TYR A 490 -21.19 4.12 1.81
C TYR A 490 -22.04 2.97 1.29
N GLU A 491 -23.35 3.19 1.19
CA GLU A 491 -24.27 2.17 0.70
C GLU A 491 -24.12 2.05 -0.78
N GLU A 492 -24.17 3.19 -1.46
CA GLU A 492 -24.07 3.24 -2.91
C GLU A 492 -23.00 2.30 -3.47
N TYR A 493 -22.06 1.88 -2.63
CA TYR A 493 -21.02 0.97 -3.10
C TYR A 493 -21.49 -0.47 -3.18
N ASN A 494 -22.55 -0.77 -2.45
CA ASN A 494 -23.13 -2.12 -2.48
C ASN A 494 -23.62 -2.26 -3.91
N SER A 495 -24.36 -1.24 -4.35
CA SER A 495 -24.92 -1.20 -5.67
C SER A 495 -23.77 -1.28 -6.66
N GLN A 496 -22.84 -0.33 -6.52
CA GLN A 496 -21.67 -0.27 -7.39
C GLN A 496 -20.98 -1.62 -7.51
N LEU A 497 -20.98 -2.37 -6.41
CA LEU A 497 -20.32 -3.66 -6.37
C LEU A 497 -21.20 -4.74 -7.02
N LEU A 498 -22.50 -4.67 -6.80
CA LEU A 498 -23.42 -5.63 -7.39
C LEU A 498 -23.42 -5.49 -8.89
N SER A 499 -23.44 -4.25 -9.36
CA SER A 499 -23.44 -4.01 -10.79
C SER A 499 -22.28 -4.77 -11.40
N PHE A 500 -21.11 -4.73 -10.75
CA PHE A 500 -19.94 -5.44 -11.22
C PHE A 500 -20.26 -6.92 -11.31
N VAL A 501 -20.65 -7.51 -10.19
CA VAL A 501 -20.98 -8.93 -10.14
C VAL A 501 -21.89 -9.29 -11.30
N ARG A 502 -22.91 -8.46 -11.52
CA ARG A 502 -23.85 -8.68 -12.61
C ARG A 502 -23.12 -8.77 -13.96
N ASP A 503 -22.59 -7.64 -14.40
CA ASP A 503 -21.86 -7.58 -15.65
C ASP A 503 -20.89 -8.76 -15.75
N LEU A 504 -20.34 -9.19 -14.63
CA LEU A 504 -19.40 -10.32 -14.65
C LEU A 504 -20.09 -11.63 -14.92
N ASN A 505 -21.33 -11.78 -14.47
CA ASN A 505 -22.07 -13.02 -14.69
C ASN A 505 -22.44 -13.24 -16.16
N GLN A 506 -22.28 -12.23 -16.98
CA GLN A 506 -22.59 -12.35 -18.39
C GLN A 506 -21.50 -13.18 -19.09
N TYR A 507 -20.47 -13.53 -18.33
CA TYR A 507 -19.37 -14.32 -18.88
C TYR A 507 -19.22 -15.61 -18.08
N ARG A 508 -20.25 -15.94 -17.31
CA ARG A 508 -20.25 -17.14 -16.49
C ARG A 508 -19.86 -18.34 -17.35
N ALA A 509 -20.12 -18.22 -18.64
CA ALA A 509 -19.78 -19.28 -19.59
C ALA A 509 -18.27 -19.38 -19.66
N ASP A 510 -17.62 -18.26 -19.95
CA ASP A 510 -16.16 -18.24 -20.04
C ASP A 510 -15.59 -18.62 -18.70
N ILE A 511 -16.17 -18.06 -17.65
CA ILE A 511 -15.71 -18.35 -16.30
C ILE A 511 -15.74 -19.85 -16.05
N LYS A 512 -16.66 -20.54 -16.74
CA LYS A 512 -16.79 -21.99 -16.58
C LYS A 512 -15.77 -22.78 -17.40
N GLU A 513 -15.51 -22.36 -18.63
CA GLU A 513 -14.53 -23.08 -19.44
C GLU A 513 -13.25 -23.13 -18.61
N MET A 514 -12.95 -22.04 -17.92
CA MET A 514 -11.78 -21.97 -17.05
C MET A 514 -12.27 -22.54 -15.72
N GLY A 515 -11.40 -23.23 -14.99
CA GLY A 515 -11.80 -23.84 -13.74
C GLY A 515 -12.37 -22.91 -12.67
N LEU A 516 -12.32 -21.61 -12.94
CA LEU A 516 -12.79 -20.60 -12.01
C LEU A 516 -14.15 -20.84 -11.38
N SER A 517 -14.21 -20.67 -10.06
CA SER A 517 -15.44 -20.89 -9.30
C SER A 517 -16.19 -19.58 -9.11
N LEU A 518 -15.47 -18.47 -9.15
CA LEU A 518 -16.10 -17.16 -9.01
C LEU A 518 -17.01 -17.09 -7.78
N GLN A 519 -16.84 -18.04 -6.86
CA GLN A 519 -17.63 -18.08 -5.64
C GLN A 519 -17.09 -17.13 -4.57
N TRP A 520 -15.77 -17.04 -4.48
CA TRP A 520 -15.12 -16.19 -3.50
C TRP A 520 -15.49 -14.71 -3.67
N LEU A 521 -15.78 -14.32 -4.90
CA LEU A 521 -16.16 -12.94 -5.17
C LEU A 521 -17.50 -12.63 -4.53
N TYR A 522 -18.49 -13.50 -4.72
CA TYR A 522 -19.79 -13.26 -4.14
C TYR A 522 -19.66 -13.13 -2.64
N SER A 523 -18.85 -14.02 -2.06
CA SER A 523 -18.65 -14.00 -0.63
C SER A 523 -18.16 -12.62 -0.20
N ALA A 524 -17.15 -12.11 -0.88
CA ALA A 524 -16.62 -10.80 -0.54
C ALA A 524 -17.74 -9.77 -0.65
N ARG A 525 -18.32 -9.67 -1.84
CA ARG A 525 -19.40 -8.73 -2.09
C ARG A 525 -20.41 -8.80 -0.95
N GLY A 526 -20.62 -9.99 -0.42
CA GLY A 526 -21.58 -10.15 0.66
C GLY A 526 -20.96 -9.80 1.98
N ASP A 527 -19.78 -10.35 2.21
CA ASP A 527 -19.06 -10.08 3.45
C ASP A 527 -18.96 -8.56 3.61
N PHE A 528 -19.04 -7.84 2.49
CA PHE A 528 -18.96 -6.39 2.54
C PHE A 528 -20.34 -5.79 2.81
N PHE A 529 -21.37 -6.37 2.20
CA PHE A 529 -22.73 -5.90 2.38
C PHE A 529 -23.07 -5.89 3.86
N ARG A 530 -22.84 -7.02 4.53
CA ARG A 530 -23.10 -7.09 5.96
C ARG A 530 -22.38 -5.93 6.65
N ALA A 531 -21.09 -5.82 6.39
CA ALA A 531 -20.28 -4.75 6.97
C ALA A 531 -21.01 -3.41 6.96
N THR A 532 -21.54 -3.05 5.81
CA THR A 532 -22.27 -1.79 5.68
C THR A 532 -23.58 -1.83 6.45
N SER A 533 -24.20 -3.00 6.51
CA SER A 533 -25.47 -3.15 7.22
C SER A 533 -25.30 -2.95 8.71
N ARG A 534 -24.13 -3.34 9.23
CA ARG A 534 -23.87 -3.18 10.65
C ARG A 534 -23.65 -1.70 10.87
N LEU A 535 -22.69 -1.16 10.14
CA LEU A 535 -22.40 0.25 10.27
C LEU A 535 -23.71 1.02 10.18
N THR A 536 -24.49 0.74 9.14
CA THR A 536 -25.74 1.43 8.94
C THR A 536 -26.66 1.23 10.13
N THR A 537 -26.40 0.20 10.91
CA THR A 537 -27.20 -0.09 12.10
C THR A 537 -26.61 0.60 13.31
N ASP A 538 -25.36 0.26 13.62
CA ASP A 538 -24.65 0.83 14.76
C ASP A 538 -24.93 2.34 14.88
N PHE A 539 -24.96 3.03 13.74
CA PHE A 539 -25.24 4.46 13.71
C PHE A 539 -26.58 4.73 14.37
N GLY A 540 -27.63 4.12 13.84
CA GLY A 540 -28.95 4.31 14.38
C GLY A 540 -29.05 4.10 15.86
N ASN A 541 -28.37 3.07 16.36
CA ASN A 541 -28.38 2.77 17.79
C ASN A 541 -27.47 3.65 18.65
N ALA A 542 -26.57 4.38 18.02
CA ALA A 542 -25.66 5.26 18.73
C ALA A 542 -26.34 6.63 18.87
N GLU A 543 -25.98 7.35 19.93
CA GLU A 543 -26.54 8.68 20.20
C GLU A 543 -25.61 9.79 19.75
N LYS A 544 -26.18 10.79 19.08
CA LYS A 544 -25.39 11.92 18.59
C LYS A 544 -24.81 12.72 19.75
N THR A 545 -24.71 12.10 20.91
CA THR A 545 -24.18 12.75 22.09
C THR A 545 -22.90 12.08 22.58
N ASP A 546 -22.72 10.80 22.26
CA ASP A 546 -21.52 10.09 22.68
C ASP A 546 -20.40 10.35 21.67
N ARG A 547 -19.77 11.51 21.80
CA ARG A 547 -18.69 11.92 20.92
C ARG A 547 -17.78 10.75 20.61
N PHE A 548 -17.68 9.82 21.56
CA PHE A 548 -16.83 8.65 21.38
C PHE A 548 -17.34 7.59 20.41
N VAL A 549 -18.53 7.06 20.67
CA VAL A 549 -19.10 6.02 19.81
C VAL A 549 -19.36 6.55 18.41
N MET A 550 -19.60 7.84 18.30
CA MET A 550 -19.85 8.43 17.00
C MET A 550 -18.54 8.53 16.25
N LYS A 551 -17.51 8.98 16.96
CA LYS A 551 -16.20 9.13 16.33
C LYS A 551 -15.77 7.77 15.81
N LYS A 552 -16.00 6.73 16.60
CA LYS A 552 -15.61 5.38 16.18
C LYS A 552 -16.32 4.94 14.93
N LEU A 553 -17.53 5.45 14.70
CA LEU A 553 -18.31 5.10 13.52
C LEU A 553 -17.88 5.93 12.31
N ASN A 554 -17.93 7.24 12.46
CA ASN A 554 -17.53 8.13 11.36
C ASN A 554 -16.18 7.72 10.78
N ASP A 555 -15.29 7.22 11.64
CA ASP A 555 -13.99 6.81 11.18
C ASP A 555 -14.14 5.64 10.24
N ARG A 556 -15.06 4.74 10.55
CA ARG A 556 -15.28 3.58 9.69
C ARG A 556 -15.77 4.07 8.32
N VAL A 557 -16.71 5.01 8.34
CA VAL A 557 -17.25 5.58 7.12
C VAL A 557 -16.12 6.18 6.31
N MET A 558 -15.24 6.88 7.02
CA MET A 558 -14.10 7.56 6.43
C MET A 558 -13.08 6.60 5.79
N ARG A 559 -13.20 5.31 6.09
CA ARG A 559 -12.30 4.29 5.55
C ARG A 559 -12.81 3.76 4.23
N VAL A 560 -14.14 3.65 4.12
CA VAL A 560 -14.82 3.13 2.95
C VAL A 560 -14.21 3.43 1.58
N GLU A 561 -14.10 4.70 1.25
CA GLU A 561 -13.55 5.09 -0.05
C GLU A 561 -12.10 4.64 -0.26
N TYR A 562 -11.23 4.97 0.68
CA TYR A 562 -9.81 4.61 0.56
C TYR A 562 -9.58 3.12 0.36
N HIS A 563 -10.27 2.29 1.14
CA HIS A 563 -10.09 0.85 1.05
C HIS A 563 -10.47 0.16 -0.25
N PHE A 564 -10.90 0.93 -1.25
CA PHE A 564 -11.22 0.34 -2.53
C PHE A 564 -10.08 0.59 -3.48
N LEU A 565 -8.93 0.95 -2.91
CA LEU A 565 -7.71 1.17 -3.68
C LEU A 565 -6.91 -0.14 -3.58
N SER A 566 -6.68 -0.79 -4.72
CA SER A 566 -5.95 -2.05 -4.71
C SER A 566 -4.69 -2.03 -3.88
N PRO A 567 -4.70 -2.73 -2.75
CA PRO A 567 -3.51 -2.76 -1.91
C PRO A 567 -2.48 -3.75 -2.45
N TYR A 568 -2.53 -4.01 -3.75
CA TYR A 568 -1.59 -4.94 -4.33
C TYR A 568 -0.78 -4.33 -5.48
N VAL A 569 -0.94 -3.02 -5.67
CA VAL A 569 -0.24 -2.30 -6.73
C VAL A 569 0.49 -1.10 -6.14
N SER A 570 1.74 -0.90 -6.55
CA SER A 570 2.52 0.22 -6.02
C SER A 570 2.20 1.58 -6.61
N PRO A 571 2.00 2.59 -5.76
CA PRO A 571 1.70 3.94 -6.22
C PRO A 571 2.76 4.43 -7.19
N LYS A 572 3.99 4.00 -6.96
CA LYS A 572 5.10 4.40 -7.80
C LYS A 572 4.92 3.88 -9.23
N GLU A 573 4.25 2.74 -9.36
CA GLU A 573 4.03 2.13 -10.67
C GLU A 573 2.68 2.54 -11.28
N SER A 574 1.62 2.33 -10.53
CA SER A 574 0.26 2.65 -10.97
C SER A 574 -0.43 3.47 -9.88
N PRO A 575 -0.23 4.79 -9.90
CA PRO A 575 -0.80 5.74 -8.95
C PRO A 575 -2.31 5.74 -8.73
N PHE A 576 -3.09 5.42 -9.76
CA PHE A 576 -4.55 5.40 -9.60
C PHE A 576 -5.03 4.00 -9.26
N ARG A 577 -4.83 3.64 -7.99
CA ARG A 577 -5.17 2.32 -7.46
C ARG A 577 -6.63 2.01 -7.26
N HIS A 578 -7.48 3.03 -7.22
CA HIS A 578 -8.90 2.76 -6.99
C HIS A 578 -9.46 1.72 -7.94
N VAL A 579 -9.81 0.55 -7.41
CA VAL A 579 -10.35 -0.51 -8.25
C VAL A 579 -11.53 -0.05 -9.12
N PHE A 580 -12.31 0.91 -8.64
CA PHE A 580 -13.47 1.40 -9.38
C PHE A 580 -13.22 2.56 -10.37
N TRP A 581 -12.50 3.58 -9.93
CA TRP A 581 -12.27 4.73 -10.80
C TRP A 581 -10.82 4.91 -11.26
N GLY A 582 -9.93 4.06 -10.78
CA GLY A 582 -8.53 4.18 -11.15
C GLY A 582 -8.24 3.93 -12.61
N SER A 583 -7.03 3.49 -12.90
CA SER A 583 -6.59 3.18 -14.25
C SER A 583 -5.46 2.19 -14.11
N GLY A 584 -5.59 1.04 -14.76
CA GLY A 584 -4.57 0.02 -14.69
C GLY A 584 -5.22 -1.35 -14.76
N SER A 585 -4.42 -2.40 -14.72
CA SER A 585 -4.98 -3.74 -14.80
C SER A 585 -5.68 -4.12 -13.48
N HIS A 586 -5.39 -3.37 -12.43
CA HIS A 586 -6.00 -3.62 -11.12
C HIS A 586 -7.44 -3.13 -11.11
N THR A 587 -7.75 -2.24 -12.05
CA THR A 587 -9.08 -1.66 -12.22
C THR A 587 -10.13 -2.76 -12.35
N LEU A 588 -11.27 -2.56 -11.71
CA LEU A 588 -12.34 -3.55 -11.79
C LEU A 588 -12.81 -3.57 -13.25
N PRO A 589 -13.13 -2.40 -13.82
CA PRO A 589 -13.59 -2.34 -15.21
C PRO A 589 -12.59 -3.02 -16.14
N ALA A 590 -11.31 -2.84 -15.85
CA ALA A 590 -10.25 -3.42 -16.64
C ALA A 590 -10.36 -4.95 -16.69
N LEU A 591 -10.88 -5.56 -15.62
CA LEU A 591 -11.03 -7.01 -15.56
C LEU A 591 -12.00 -7.47 -16.65
N LEU A 592 -13.21 -6.93 -16.63
CA LEU A 592 -14.20 -7.29 -17.63
C LEU A 592 -13.61 -7.01 -18.99
N GLU A 593 -13.07 -5.82 -19.15
CA GLU A 593 -12.49 -5.39 -20.42
C GLU A 593 -11.50 -6.40 -21.01
N ASN A 594 -10.89 -7.22 -20.18
CA ASN A 594 -9.95 -8.22 -20.67
C ASN A 594 -10.73 -9.48 -20.97
N LEU A 595 -11.67 -9.81 -20.10
CA LEU A 595 -12.50 -10.99 -20.25
C LEU A 595 -13.31 -10.93 -21.53
N LYS A 596 -13.78 -9.73 -21.89
CA LYS A 596 -14.56 -9.58 -23.10
C LYS A 596 -13.83 -10.21 -24.28
N LEU A 597 -12.51 -10.03 -24.30
CA LEU A 597 -11.66 -10.54 -25.37
C LEU A 597 -11.61 -12.07 -25.46
N ARG A 598 -12.05 -12.74 -24.41
CA ARG A 598 -12.06 -14.20 -24.37
C ARG A 598 -12.81 -14.77 -25.57
N LYS A 599 -14.02 -14.24 -25.79
CA LYS A 599 -14.88 -14.67 -26.89
C LYS A 599 -14.24 -14.53 -28.28
N GLN A 600 -13.42 -13.49 -28.47
CA GLN A 600 -12.75 -13.24 -29.75
C GLN A 600 -11.87 -14.40 -30.22
N ASN A 601 -11.85 -15.47 -29.42
CA ASN A 601 -11.07 -16.68 -29.70
C ASN A 601 -9.59 -16.48 -30.07
N ASN A 602 -9.15 -15.22 -30.17
CA ASN A 602 -7.76 -14.91 -30.50
C ASN A 602 -6.91 -14.89 -29.23
N GLY A 603 -5.66 -14.44 -29.36
CA GLY A 603 -4.78 -14.39 -28.21
C GLY A 603 -4.91 -13.13 -27.38
N ALA A 604 -5.69 -12.16 -27.88
CA ALA A 604 -5.91 -10.88 -27.20
C ALA A 604 -6.20 -11.02 -25.70
N PHE A 605 -6.77 -12.16 -25.32
CA PHE A 605 -7.09 -12.41 -23.92
C PHE A 605 -5.90 -13.04 -23.19
N ASN A 606 -5.39 -12.35 -22.17
CA ASN A 606 -4.28 -12.87 -21.38
C ASN A 606 -4.95 -13.60 -20.22
N GLU A 607 -4.92 -14.94 -20.25
CA GLU A 607 -5.56 -15.73 -19.21
C GLU A 607 -4.89 -15.58 -17.85
N THR A 608 -3.56 -15.69 -17.81
CA THR A 608 -2.86 -15.57 -16.55
C THR A 608 -3.17 -14.23 -15.92
N LEU A 609 -3.26 -13.19 -16.74
CA LEU A 609 -3.58 -11.86 -16.24
C LEU A 609 -4.96 -11.87 -15.59
N PHE A 610 -5.95 -12.41 -16.30
CA PHE A 610 -7.31 -12.48 -15.75
C PHE A 610 -7.26 -13.18 -14.40
N ARG A 611 -6.85 -14.45 -14.42
CA ARG A 611 -6.75 -15.24 -13.21
C ARG A 611 -6.39 -14.38 -12.01
N ASN A 612 -5.33 -13.61 -12.13
CA ASN A 612 -4.91 -12.74 -11.03
C ASN A 612 -5.92 -11.62 -10.84
N GLN A 613 -6.16 -10.86 -11.90
CA GLN A 613 -7.13 -9.78 -11.85
C GLN A 613 -8.30 -10.16 -10.96
N LEU A 614 -8.95 -11.27 -11.30
CA LEU A 614 -10.07 -11.74 -10.53
C LEU A 614 -9.62 -12.01 -9.11
N ALA A 615 -8.65 -12.91 -8.98
CA ALA A 615 -8.11 -13.28 -7.67
C ALA A 615 -7.90 -12.10 -6.73
N LEU A 616 -7.09 -11.14 -7.15
CA LEU A 616 -6.83 -9.98 -6.32
C LEU A 616 -8.08 -9.09 -6.18
N ALA A 617 -8.66 -8.69 -7.31
CA ALA A 617 -9.86 -7.86 -7.27
C ALA A 617 -10.86 -8.42 -6.26
N THR A 618 -10.74 -9.72 -5.99
CA THR A 618 -11.63 -10.34 -5.03
C THR A 618 -11.17 -9.93 -3.64
N TRP A 619 -9.93 -10.29 -3.32
CA TRP A 619 -9.38 -9.96 -2.02
C TRP A 619 -9.40 -8.45 -1.75
N THR A 620 -9.42 -7.64 -2.79
CA THR A 620 -9.46 -6.20 -2.58
C THR A 620 -10.80 -5.91 -1.95
N ILE A 621 -11.85 -6.39 -2.60
CA ILE A 621 -13.20 -6.19 -2.12
C ILE A 621 -13.33 -6.85 -0.76
N GLN A 622 -12.85 -8.07 -0.65
CA GLN A 622 -12.90 -8.81 0.61
C GLN A 622 -12.34 -7.92 1.71
N GLY A 623 -11.10 -7.49 1.51
CA GLY A 623 -10.43 -6.65 2.49
C GLY A 623 -11.25 -5.43 2.84
N ALA A 624 -11.79 -4.77 1.81
CA ALA A 624 -12.60 -3.58 2.03
C ALA A 624 -13.66 -3.91 3.05
N ALA A 625 -14.11 -5.16 3.05
CA ALA A 625 -15.12 -5.62 3.97
C ALA A 625 -14.53 -5.73 5.36
N ASN A 626 -13.51 -6.58 5.49
CA ASN A 626 -12.88 -6.79 6.79
C ASN A 626 -12.40 -5.49 7.44
N ALA A 627 -12.19 -4.46 6.63
CA ALA A 627 -11.74 -3.20 7.16
C ALA A 627 -12.93 -2.32 7.57
N LEU A 628 -14.04 -2.46 6.88
CA LEU A 628 -15.23 -1.67 7.17
C LEU A 628 -16.06 -2.19 8.34
N SER A 629 -15.46 -3.08 9.12
CA SER A 629 -16.06 -3.67 10.33
C SER A 629 -16.33 -5.16 10.31
N GLY A 630 -17.60 -5.52 10.51
CA GLY A 630 -17.97 -6.91 10.59
C GLY A 630 -17.67 -7.19 12.05
N ASP A 631 -17.60 -6.08 12.81
CA ASP A 631 -17.32 -6.07 14.24
C ASP A 631 -15.91 -6.59 14.44
N VAL A 632 -15.08 -6.48 13.41
CA VAL A 632 -13.70 -6.96 13.47
C VAL A 632 -13.74 -8.48 13.49
N TRP A 633 -12.65 -9.11 13.03
CA TRP A 633 -12.58 -10.57 13.03
C TRP A 633 -13.79 -11.22 12.38
N ASP A 634 -14.24 -10.70 11.24
CA ASP A 634 -15.42 -11.26 10.57
C ASP A 634 -15.48 -12.78 10.74
N ILE A 635 -16.54 -13.26 11.39
CA ILE A 635 -16.70 -14.67 11.69
C ILE A 635 -17.46 -15.55 10.69
N ASP A 636 -17.16 -15.41 9.40
CA ASP A 636 -17.79 -16.29 8.41
C ASP A 636 -16.70 -17.35 8.16
N ASN A 637 -16.34 -17.99 9.28
CA ASN A 637 -15.33 -19.03 9.36
C ASN A 637 -15.65 -20.32 8.62
N GLU A 638 -16.94 -20.52 8.34
CA GLU A 638 -17.39 -21.70 7.62
C GLU A 638 -16.78 -21.70 6.21
N PHE A 639 -17.60 -21.39 5.21
CA PHE A 639 -17.15 -21.34 3.82
C PHE A 639 -15.83 -22.10 3.58
N LEU B 1 -9.43 -2.78 39.49
CA LEU B 1 -8.28 -3.20 40.30
C LEU B 1 -6.99 -2.56 39.80
N TYR B 2 -5.95 -2.57 40.64
CA TYR B 2 -4.66 -2.00 40.25
C TYR B 2 -3.65 -3.07 39.90
N TRP B 3 -2.58 -2.65 39.22
CA TRP B 3 -1.53 -3.58 38.78
C TRP B 3 -1.15 -4.59 39.82
N ASP B 4 -0.78 -4.13 41.00
CA ASP B 4 -0.37 -5.05 42.06
C ASP B 4 -1.41 -6.14 42.17
N ASP B 5 -2.68 -5.75 42.21
CA ASP B 5 -3.76 -6.72 42.32
C ASP B 5 -3.67 -7.75 41.20
N LEU B 6 -3.70 -7.27 39.97
CA LEU B 6 -3.61 -8.17 38.81
C LEU B 6 -2.33 -8.98 38.83
N LYS B 7 -1.23 -8.35 39.21
CA LYS B 7 0.05 -9.05 39.24
C LYS B 7 -0.04 -10.17 40.26
N ARG B 8 -0.49 -9.83 41.47
CA ARG B 8 -0.62 -10.80 42.55
C ARG B 8 -1.58 -11.92 42.19
N LYS B 9 -2.74 -11.56 41.66
CA LYS B 9 -3.72 -12.57 41.28
C LYS B 9 -3.11 -13.51 40.25
N LEU B 10 -2.75 -12.96 39.10
CA LEU B 10 -2.14 -13.73 38.02
C LEU B 10 -1.06 -14.68 38.54
N SER B 11 -0.39 -14.29 39.61
CA SER B 11 0.67 -15.12 40.15
C SER B 11 0.13 -16.35 40.85
N GLU B 12 -0.75 -16.17 41.82
CA GLU B 12 -1.31 -17.32 42.53
C GLU B 12 -2.02 -18.24 41.54
N LYS B 13 -2.65 -17.67 40.52
CA LYS B 13 -3.34 -18.48 39.52
C LYS B 13 -2.26 -19.30 38.84
N LEU B 14 -1.11 -18.67 38.58
CA LEU B 14 0.00 -19.37 37.95
C LEU B 14 0.62 -20.34 38.94
N ASP B 15 0.42 -20.06 40.23
CA ASP B 15 0.94 -20.92 41.29
C ASP B 15 0.17 -22.23 41.38
N SER B 16 -1.04 -22.24 40.83
CA SER B 16 -1.90 -23.41 40.86
C SER B 16 -2.36 -23.86 39.49
N THR B 17 -1.42 -24.11 38.58
CA THR B 17 -1.75 -24.58 37.24
C THR B 17 -0.71 -25.58 36.79
N ASP B 18 -1.16 -26.80 36.49
CA ASP B 18 -0.25 -27.84 36.04
C ASP B 18 0.00 -27.74 34.54
N PHE B 19 1.13 -27.15 34.17
CA PHE B 19 1.48 -27.00 32.75
C PHE B 19 2.05 -28.29 32.23
N THR B 20 2.80 -28.98 33.08
CA THR B 20 3.42 -30.24 32.69
C THR B 20 2.40 -31.28 32.24
N SER B 21 1.25 -31.33 32.91
CA SER B 21 0.19 -32.27 32.55
C SER B 21 -0.27 -32.07 31.11
N THR B 22 -0.67 -30.84 30.81
CA THR B 22 -1.15 -30.49 29.49
C THR B 22 -0.07 -30.65 28.42
N ILE B 23 1.19 -30.46 28.79
CA ILE B 23 2.26 -30.63 27.82
C ILE B 23 2.36 -32.11 27.50
N LYS B 24 1.95 -32.92 28.46
CA LYS B 24 1.95 -34.37 28.30
C LYS B 24 0.70 -34.78 27.53
N LEU B 25 -0.47 -34.32 28.01
CA LEU B 25 -1.73 -34.63 27.35
C LEU B 25 -1.58 -34.39 25.86
N LEU B 26 -0.90 -33.32 25.49
CA LEU B 26 -0.68 -33.01 24.09
C LEU B 26 0.43 -33.88 23.54
N ASN B 27 0.47 -35.12 24.00
CA ASN B 27 1.47 -36.09 23.56
C ASN B 27 0.86 -37.49 23.43
N GLU B 28 -0.32 -37.68 24.02
CA GLU B 28 -1.01 -38.97 23.93
C GLU B 28 -1.16 -39.28 22.46
N ASN B 29 -1.21 -40.57 22.11
CA ASN B 29 -1.34 -40.94 20.71
C ASN B 29 -2.56 -40.32 20.04
N SER B 30 -3.44 -39.73 20.85
CA SER B 30 -4.63 -39.08 20.33
C SER B 30 -4.23 -37.99 19.34
N TYR B 31 -3.09 -37.36 19.61
CA TYR B 31 -2.57 -36.31 18.73
C TYR B 31 -1.06 -36.24 18.80
N VAL B 32 -0.38 -37.28 18.35
CA VAL B 32 1.08 -37.26 18.41
C VAL B 32 1.73 -36.90 17.07
N PRO B 33 1.61 -37.74 16.03
CA PRO B 33 2.29 -37.22 14.84
C PRO B 33 1.35 -36.23 14.21
N ARG B 34 1.09 -35.14 14.92
CA ARG B 34 0.20 -34.08 14.46
C ARG B 34 0.79 -33.25 13.34
N GLU B 35 1.11 -33.89 12.22
CA GLU B 35 1.68 -33.19 11.08
C GLU B 35 0.67 -32.13 10.66
N ALA B 36 1.12 -31.23 9.80
CA ALA B 36 0.26 -30.16 9.31
C ALA B 36 -0.86 -30.73 8.48
N GLY B 37 -2.09 -30.35 8.83
CA GLY B 37 -3.24 -30.82 8.09
C GLY B 37 -3.48 -32.32 8.17
N SER B 38 -3.04 -32.94 9.26
CA SER B 38 -3.24 -34.37 9.44
C SER B 38 -4.50 -34.55 10.29
N GLN B 39 -4.83 -35.80 10.60
CA GLN B 39 -6.01 -36.06 11.41
C GLN B 39 -5.73 -35.63 12.85
N LYS B 40 -4.58 -36.07 13.36
CA LYS B 40 -4.18 -35.73 14.72
C LYS B 40 -4.27 -34.22 14.86
N ASP B 41 -3.67 -33.53 13.88
CA ASP B 41 -3.67 -32.08 13.82
C ASP B 41 -5.09 -31.63 14.12
N GLU B 42 -6.01 -32.02 13.23
CA GLU B 42 -7.41 -31.69 13.32
C GLU B 42 -8.01 -32.11 14.66
N ASN B 43 -7.44 -33.13 15.27
CA ASN B 43 -7.93 -33.61 16.56
C ASN B 43 -7.65 -32.56 17.63
N LEU B 44 -6.37 -32.22 17.80
CA LEU B 44 -5.97 -31.23 18.80
C LEU B 44 -6.68 -29.91 18.53
N ALA B 45 -6.81 -29.58 17.25
CA ALA B 45 -7.48 -28.36 16.85
C ALA B 45 -8.85 -28.26 17.53
N LEU B 46 -9.65 -29.32 17.35
CA LEU B 46 -10.97 -29.33 17.94
C LEU B 46 -10.88 -29.39 19.45
N TYR B 47 -9.77 -29.91 19.96
CA TYR B 47 -9.59 -29.99 21.40
C TYR B 47 -9.47 -28.58 21.93
N VAL B 48 -8.55 -27.82 21.33
CA VAL B 48 -8.35 -26.45 21.73
C VAL B 48 -9.66 -25.70 21.59
N GLU B 49 -10.29 -25.84 20.43
CA GLU B 49 -11.55 -25.16 20.14
C GLU B 49 -12.57 -25.37 21.25
N ASN B 50 -12.74 -26.63 21.64
CA ASN B 50 -13.70 -26.94 22.68
C ASN B 50 -13.21 -26.40 24.01
N GLU B 51 -11.96 -26.66 24.35
CA GLU B 51 -11.41 -26.17 25.59
C GLU B 51 -11.75 -24.68 25.74
N PHE B 52 -11.53 -23.92 24.67
CA PHE B 52 -11.84 -22.49 24.70
C PHE B 52 -13.30 -22.32 25.07
N ARG B 53 -14.17 -23.09 24.40
CA ARG B 53 -15.58 -23.02 24.68
C ARG B 53 -15.81 -23.36 26.14
N GLU B 54 -15.14 -24.41 26.60
CA GLU B 54 -15.29 -24.84 27.99
C GLU B 54 -14.81 -23.73 28.92
N PHE B 55 -13.77 -23.02 28.49
CA PHE B 55 -13.23 -21.93 29.29
C PHE B 55 -14.27 -20.83 29.46
N LYS B 56 -15.40 -21.00 28.77
CA LYS B 56 -16.50 -20.07 28.86
C LYS B 56 -16.14 -18.68 28.36
N LEU B 57 -15.09 -18.58 27.55
CA LEU B 57 -14.70 -17.28 27.03
C LEU B 57 -15.67 -16.87 25.94
N SER B 58 -15.71 -15.59 25.61
CA SER B 58 -16.64 -15.08 24.59
C SER B 58 -16.43 -15.76 23.24
N LYS B 59 -16.92 -15.15 22.18
CA LYS B 59 -16.80 -15.70 20.84
C LYS B 59 -15.52 -16.50 20.61
N VAL B 60 -15.65 -17.61 19.88
CA VAL B 60 -14.54 -18.50 19.56
C VAL B 60 -14.93 -19.14 18.24
N TRP B 61 -14.05 -19.06 17.24
CA TRP B 61 -14.36 -19.60 15.92
C TRP B 61 -13.23 -20.39 15.29
N ARG B 62 -13.43 -20.76 14.03
CA ARG B 62 -12.44 -21.53 13.27
C ARG B 62 -11.96 -20.74 12.05
N ASP B 63 -10.77 -21.04 11.57
CA ASP B 63 -10.26 -20.36 10.39
C ASP B 63 -9.75 -21.40 9.41
N GLN B 64 -10.53 -21.62 8.36
CA GLN B 64 -10.21 -22.61 7.35
C GLN B 64 -9.27 -22.06 6.28
N HIS B 65 -8.45 -22.95 5.70
CA HIS B 65 -7.49 -22.55 4.67
C HIS B 65 -7.01 -23.75 3.87
N PHE B 66 -6.76 -23.56 2.59
CA PHE B 66 -6.27 -24.63 1.75
C PHE B 66 -4.95 -24.19 1.15
N VAL B 67 -3.84 -24.65 1.73
CA VAL B 67 -2.54 -24.27 1.21
C VAL B 67 -1.79 -25.49 0.69
N LYS B 68 -0.88 -25.27 -0.26
CA LYS B 68 -0.09 -26.38 -0.82
C LYS B 68 1.17 -26.66 0.00
N ILE B 69 1.21 -27.84 0.61
CA ILE B 69 2.34 -28.27 1.42
C ILE B 69 3.10 -29.30 0.60
N GLN B 70 4.37 -29.53 0.93
CA GLN B 70 5.13 -30.53 0.21
C GLN B 70 5.43 -31.72 1.09
N VAL B 71 5.26 -32.92 0.55
CA VAL B 71 5.50 -34.14 1.31
C VAL B 71 6.42 -35.11 0.58
N LYS B 72 6.89 -36.10 1.31
CA LYS B 72 7.78 -37.12 0.76
C LYS B 72 7.00 -38.05 -0.18
N ASP B 73 7.44 -38.12 -1.43
CA ASP B 73 6.78 -38.97 -2.42
C ASP B 73 7.06 -40.44 -2.11
N SER B 74 6.17 -41.33 -2.57
CA SER B 74 6.33 -42.77 -2.36
C SER B 74 7.75 -43.23 -2.75
N ALA B 75 8.31 -42.58 -3.77
CA ALA B 75 9.67 -42.89 -4.24
C ALA B 75 10.65 -42.39 -3.17
N GLN B 76 11.62 -43.21 -2.82
CA GLN B 76 12.59 -42.83 -1.80
C GLN B 76 13.66 -41.84 -2.21
N ASN B 77 13.87 -40.86 -1.32
CA ASN B 77 14.87 -39.81 -1.51
C ASN B 77 16.18 -40.41 -1.02
N SER B 78 17.28 -40.11 -1.68
CA SER B 78 18.55 -40.66 -1.26
C SER B 78 19.80 -39.97 -1.75
N VAL B 79 20.88 -40.21 -1.01
CA VAL B 79 22.18 -39.66 -1.31
C VAL B 79 23.07 -40.86 -1.52
N ILE B 80 23.83 -40.85 -2.62
CA ILE B 80 24.72 -41.94 -2.94
C ILE B 80 26.03 -41.47 -3.57
N ILE B 81 27.14 -41.98 -3.05
CA ILE B 81 28.44 -41.62 -3.57
C ILE B 81 28.65 -42.43 -4.85
N VAL B 82 29.08 -41.75 -5.91
CA VAL B 82 29.31 -42.41 -7.18
C VAL B 82 30.28 -41.60 -8.01
N ASP B 83 31.17 -42.30 -8.71
CA ASP B 83 32.17 -41.66 -9.55
C ASP B 83 31.48 -41.08 -10.77
N LYS B 84 32.26 -40.87 -11.83
CA LYS B 84 31.73 -40.32 -13.06
C LYS B 84 30.83 -41.38 -13.68
N ASN B 85 30.42 -42.32 -12.82
CA ASN B 85 29.58 -43.44 -13.23
C ASN B 85 29.32 -44.36 -12.03
N GLY B 86 28.10 -44.92 -11.97
CA GLY B 86 27.69 -45.84 -10.91
C GLY B 86 28.16 -45.63 -9.47
N ARG B 87 27.41 -46.22 -8.52
CA ARG B 87 27.75 -46.10 -7.09
C ARG B 87 28.74 -47.19 -6.70
N LEU B 88 29.98 -46.80 -6.34
CA LEU B 88 30.99 -47.80 -5.97
C LEU B 88 30.80 -48.30 -4.54
N VAL B 89 30.81 -47.37 -3.60
CA VAL B 89 30.64 -47.68 -2.19
C VAL B 89 29.18 -48.15 -1.97
N TYR B 90 28.37 -47.30 -1.34
CA TYR B 90 26.97 -47.63 -1.06
C TYR B 90 26.10 -46.38 -0.97
N LEU B 91 24.79 -46.59 -1.10
CA LEU B 91 23.81 -45.53 -1.03
C LEU B 91 23.93 -44.90 0.36
N VAL B 92 24.74 -43.84 0.47
CA VAL B 92 24.95 -43.14 1.73
C VAL B 92 23.76 -43.36 2.66
N GLU B 93 22.58 -42.95 2.20
CA GLU B 93 21.39 -43.14 2.99
C GLU B 93 20.13 -42.73 2.25
N ASN B 94 19.02 -43.28 2.73
CA ASN B 94 17.69 -42.99 2.22
C ASN B 94 17.09 -42.16 3.35
N PRO B 95 17.46 -40.86 3.42
CA PRO B 95 16.98 -39.95 4.45
C PRO B 95 15.57 -40.24 4.98
N GLY B 96 15.43 -40.22 6.30
CA GLY B 96 14.14 -40.47 6.93
C GLY B 96 13.24 -39.25 6.94
N GLY B 97 13.84 -38.06 6.86
CA GLY B 97 13.07 -36.82 6.85
C GLY B 97 13.28 -36.10 5.53
N TYR B 98 12.83 -34.85 5.45
CA TYR B 98 12.99 -34.08 4.21
C TYR B 98 12.87 -32.58 4.41
N VAL B 99 13.27 -31.85 3.37
CA VAL B 99 13.21 -30.40 3.38
C VAL B 99 12.04 -30.00 2.48
N ALA B 100 10.97 -29.50 3.10
CA ALA B 100 9.78 -29.09 2.36
C ALA B 100 10.11 -28.12 1.24
N TYR B 101 9.15 -27.89 0.36
CA TYR B 101 9.33 -26.98 -0.76
C TYR B 101 10.67 -27.12 -1.47
N SER B 102 11.35 -28.23 -1.27
CA SER B 102 12.64 -28.43 -1.94
C SER B 102 12.40 -28.73 -3.41
N LYS B 103 13.32 -28.29 -4.26
CA LYS B 103 13.21 -28.53 -5.71
C LYS B 103 13.10 -30.03 -5.94
N ALA B 104 12.05 -30.44 -6.64
CA ALA B 104 11.86 -31.85 -6.92
C ALA B 104 12.74 -32.23 -8.10
N ALA B 105 13.91 -32.77 -7.82
CA ALA B 105 14.83 -33.16 -8.88
C ALA B 105 15.91 -34.07 -8.34
N THR B 106 16.88 -34.39 -9.19
CA THR B 106 17.98 -35.26 -8.81
C THR B 106 19.22 -34.92 -9.64
N VAL B 107 20.31 -34.63 -8.95
CA VAL B 107 21.56 -34.30 -9.61
C VAL B 107 22.77 -34.82 -8.83
N THR B 108 23.90 -34.91 -9.51
CA THR B 108 25.14 -35.38 -8.92
C THR B 108 26.35 -34.52 -9.32
N GLY B 109 27.36 -34.51 -8.46
CA GLY B 109 28.55 -33.73 -8.72
C GLY B 109 29.43 -33.66 -7.50
N LYS B 110 30.37 -32.73 -7.51
CA LYS B 110 31.29 -32.54 -6.39
C LYS B 110 30.52 -32.17 -5.13
N LEU B 111 31.13 -32.35 -3.98
CA LEU B 111 30.46 -32.03 -2.72
C LEU B 111 31.26 -31.20 -1.74
N VAL B 112 31.07 -29.88 -1.80
CA VAL B 112 31.78 -28.96 -0.91
C VAL B 112 31.07 -28.88 0.45
N HIS B 113 31.81 -28.48 1.48
CA HIS B 113 31.24 -28.38 2.82
C HIS B 113 31.38 -26.98 3.40
N ALA B 114 30.40 -26.12 3.12
CA ALA B 114 30.40 -24.74 3.61
C ALA B 114 29.76 -24.64 4.99
N ASN B 115 30.58 -24.72 6.02
CA ASN B 115 30.13 -24.62 7.40
C ASN B 115 28.90 -23.74 7.56
N PHE B 116 28.01 -24.15 8.47
CA PHE B 116 26.78 -23.41 8.77
C PHE B 116 26.13 -22.76 7.56
N GLY B 117 25.33 -23.55 6.85
CA GLY B 117 24.61 -23.06 5.68
C GLY B 117 25.17 -21.85 4.99
N THR B 118 26.47 -21.88 4.72
CA THR B 118 27.14 -20.78 4.04
C THR B 118 27.00 -19.46 4.79
N LYS B 119 25.92 -19.33 5.55
CA LYS B 119 25.68 -18.11 6.31
C LYS B 119 25.72 -16.90 5.39
N LYS B 120 25.91 -17.15 4.10
CA LYS B 120 26.00 -16.10 3.08
C LYS B 120 27.38 -15.49 3.22
N ASP B 121 27.84 -15.47 4.47
CA ASP B 121 29.14 -14.94 4.83
C ASP B 121 30.19 -16.01 4.51
N PHE B 122 30.03 -17.17 5.16
CA PHE B 122 30.95 -18.29 4.99
C PHE B 122 31.26 -18.66 3.55
N GLU B 123 30.39 -18.27 2.62
CA GLU B 123 30.62 -18.59 1.22
C GLU B 123 31.94 -18.00 0.75
N ASP B 124 32.43 -16.99 1.46
CA ASP B 124 33.71 -16.37 1.11
C ASP B 124 34.85 -17.26 1.63
N LEU B 125 34.91 -18.47 1.10
CA LEU B 125 35.92 -19.46 1.47
C LEU B 125 36.70 -19.84 0.21
N TYR B 126 37.79 -20.57 0.40
CA TYR B 126 38.66 -21.00 -0.71
C TYR B 126 37.98 -21.78 -1.83
N THR B 127 37.64 -23.05 -1.57
CA THR B 127 36.99 -23.90 -2.57
C THR B 127 35.68 -23.32 -3.11
N PRO B 128 35.57 -23.21 -4.44
CA PRO B 128 34.36 -22.66 -5.09
C PRO B 128 33.25 -23.72 -5.20
N VAL B 129 32.01 -23.25 -5.12
CA VAL B 129 30.84 -24.14 -5.21
C VAL B 129 30.20 -23.99 -6.59
N ASN B 130 30.90 -23.29 -7.47
CA ASN B 130 30.46 -23.04 -8.83
C ASN B 130 30.11 -24.35 -9.56
N GLY B 131 28.88 -24.81 -9.37
CA GLY B 131 28.43 -26.03 -9.99
C GLY B 131 28.81 -27.29 -9.24
N SER B 132 28.27 -27.45 -8.03
CA SER B 132 28.59 -28.62 -7.22
C SER B 132 27.71 -28.69 -5.98
N ILE B 133 27.37 -29.90 -5.55
CA ILE B 133 26.53 -30.10 -4.38
C ILE B 133 27.26 -29.58 -3.14
N VAL B 134 26.51 -29.11 -2.15
CA VAL B 134 27.09 -28.57 -0.93
C VAL B 134 26.52 -29.12 0.37
N ILE B 135 27.38 -29.22 1.38
CA ILE B 135 26.98 -29.70 2.70
C ILE B 135 27.03 -28.52 3.65
N VAL B 136 26.13 -28.48 4.61
CA VAL B 136 26.09 -27.41 5.60
C VAL B 136 25.54 -27.92 6.93
N ARG B 137 25.92 -27.23 8.00
CA ARG B 137 25.48 -27.60 9.34
C ARG B 137 24.18 -26.85 9.65
N ALA B 138 23.32 -27.45 10.46
CA ALA B 138 22.07 -26.79 10.82
C ALA B 138 22.44 -25.82 11.92
N GLY B 139 22.29 -24.51 11.69
CA GLY B 139 22.67 -23.59 12.75
C GLY B 139 22.31 -22.12 12.66
N LYS B 140 23.34 -21.29 12.62
CA LYS B 140 23.20 -19.83 12.58
C LYS B 140 22.06 -19.28 11.73
N ILE B 141 21.75 -19.89 10.60
CA ILE B 141 20.66 -19.38 9.78
C ILE B 141 19.59 -20.44 9.52
N THR B 142 18.64 -20.11 8.66
CA THR B 142 17.56 -21.02 8.33
C THR B 142 17.83 -21.74 7.02
N PHE B 143 17.40 -23.01 6.93
CA PHE B 143 17.61 -23.80 5.72
C PHE B 143 17.36 -22.92 4.51
N ALA B 144 16.20 -22.26 4.52
CA ALA B 144 15.80 -21.38 3.44
C ALA B 144 16.98 -20.53 3.01
N GLU B 145 17.58 -19.83 3.98
CA GLU B 145 18.71 -18.99 3.68
C GLU B 145 19.92 -19.80 3.24
N LYS B 146 20.21 -20.88 3.96
CA LYS B 146 21.35 -21.74 3.62
C LYS B 146 21.27 -22.08 2.15
N VAL B 147 20.13 -22.62 1.74
CA VAL B 147 19.92 -23.01 0.34
C VAL B 147 20.01 -21.81 -0.59
N ALA B 148 19.26 -20.76 -0.27
CA ALA B 148 19.23 -19.55 -1.07
C ALA B 148 20.64 -19.11 -1.47
N ASN B 149 21.52 -19.00 -0.48
CA ASN B 149 22.91 -18.59 -0.73
C ASN B 149 23.61 -19.60 -1.63
N ALA B 150 23.49 -20.87 -1.27
CA ALA B 150 24.11 -21.93 -2.06
C ALA B 150 23.81 -21.71 -3.53
N GLU B 151 22.53 -21.52 -3.84
CA GLU B 151 22.12 -21.32 -5.22
C GLU B 151 22.55 -19.98 -5.78
N SER B 152 22.68 -18.97 -4.93
CA SER B 152 23.10 -17.66 -5.40
C SER B 152 24.54 -17.76 -5.91
N LEU B 153 25.25 -18.79 -5.47
CA LEU B 153 26.62 -19.02 -5.89
C LEU B 153 26.68 -20.09 -6.97
N ASN B 154 25.51 -20.39 -7.54
CA ASN B 154 25.37 -21.36 -8.61
C ASN B 154 25.62 -22.81 -8.24
N ALA B 155 25.36 -23.17 -6.99
CA ALA B 155 25.54 -24.55 -6.58
C ALA B 155 24.28 -25.31 -6.95
N ILE B 156 24.26 -26.59 -6.63
CA ILE B 156 23.10 -27.45 -6.88
C ILE B 156 23.05 -28.46 -5.76
N GLY B 157 21.85 -28.74 -5.26
CA GLY B 157 21.72 -29.68 -4.18
C GLY B 157 22.42 -29.20 -2.92
N VAL B 158 21.76 -29.39 -1.78
CA VAL B 158 22.32 -28.98 -0.50
C VAL B 158 21.91 -30.00 0.54
N LEU B 159 22.88 -30.43 1.34
CA LEU B 159 22.62 -31.39 2.40
C LEU B 159 22.79 -30.69 3.74
N ILE B 160 21.85 -30.92 4.66
CA ILE B 160 21.90 -30.31 5.98
C ILE B 160 21.98 -31.41 7.04
N TYR B 161 23.01 -31.35 7.89
CA TYR B 161 23.19 -32.36 8.94
C TYR B 161 23.44 -31.72 10.29
N MET B 162 23.16 -32.47 11.36
CA MET B 162 23.36 -31.98 12.71
C MET B 162 24.67 -32.52 13.31
N ASP B 163 25.76 -31.76 13.17
CA ASP B 163 27.05 -32.20 13.71
C ASP B 163 26.97 -32.52 15.20
N GLN B 164 28.02 -33.15 15.72
CA GLN B 164 28.08 -33.55 17.13
C GLN B 164 28.26 -32.42 18.14
N THR B 165 29.19 -31.51 17.85
CA THR B 165 29.46 -30.37 18.74
C THR B 165 28.22 -29.49 18.95
N LYS B 166 27.63 -29.06 17.84
CA LYS B 166 26.43 -28.22 17.87
C LYS B 166 25.23 -29.01 18.35
N PHE B 167 25.13 -30.27 17.93
CA PHE B 167 24.01 -31.12 18.32
C PHE B 167 24.47 -32.39 19.01
N PRO B 168 24.70 -32.30 20.33
CA PRO B 168 25.15 -33.39 21.21
C PRO B 168 24.10 -34.49 21.38
N ILE B 169 23.63 -35.04 20.26
CA ILE B 169 22.66 -36.12 20.34
C ILE B 169 23.41 -37.45 20.32
N VAL B 170 23.13 -38.29 21.31
CA VAL B 170 23.79 -39.59 21.41
C VAL B 170 23.59 -40.39 20.10
N ASN B 171 22.35 -40.46 19.64
CA ASN B 171 22.02 -41.18 18.41
C ASN B 171 22.44 -40.39 17.16
N ALA B 172 23.21 -41.03 16.29
CA ALA B 172 23.69 -40.39 15.07
C ALA B 172 22.93 -40.89 13.84
N GLU B 173 21.96 -41.78 14.09
CA GLU B 173 21.13 -42.35 13.04
C GLU B 173 19.80 -41.58 13.01
N LEU B 174 19.81 -40.40 13.64
CA LEU B 174 18.63 -39.56 13.72
C LEU B 174 18.47 -38.58 12.56
N SER B 175 17.25 -38.50 12.05
CA SER B 175 16.94 -37.61 10.93
C SER B 175 15.90 -36.54 11.31
N PHE B 176 16.04 -35.35 10.71
CA PHE B 176 15.15 -34.24 11.01
C PHE B 176 14.41 -33.66 9.81
N PHE B 177 13.37 -32.88 10.11
CA PHE B 177 12.50 -32.22 9.11
C PHE B 177 12.89 -30.78 8.75
N GLY B 178 12.79 -30.44 7.47
CA GLY B 178 13.17 -29.11 7.03
C GLY B 178 12.07 -28.25 6.43
N HIS B 179 12.43 -27.01 6.09
CA HIS B 179 11.51 -26.03 5.53
C HIS B 179 11.87 -25.66 4.10
N ALA B 180 12.86 -24.78 3.94
CA ALA B 180 13.37 -24.33 2.64
C ALA B 180 12.71 -23.15 1.91
N HIS B 181 11.61 -22.64 2.43
CA HIS B 181 10.94 -21.50 1.79
C HIS B 181 11.46 -20.17 2.31
N LEU B 182 12.06 -19.38 1.42
CA LEU B 182 12.59 -18.09 1.79
C LEU B 182 11.46 -17.09 1.98
N GLY B 183 10.52 -17.42 2.87
CA GLY B 183 9.40 -16.54 3.11
C GLY B 183 8.52 -17.05 4.23
N THR B 184 7.25 -16.66 4.21
CA THR B 184 6.35 -17.08 5.27
C THR B 184 5.00 -17.48 4.70
N GLY B 185 4.55 -18.68 5.02
CA GLY B 185 3.25 -19.14 4.54
C GLY B 185 3.29 -19.80 3.18
N ASP B 186 2.12 -20.21 2.69
CA ASP B 186 2.00 -20.86 1.40
C ASP B 186 2.79 -20.02 0.41
N PRO B 187 3.74 -20.63 -0.31
CA PRO B 187 4.58 -19.96 -1.30
C PRO B 187 3.96 -19.65 -2.66
N TYR B 188 2.64 -19.58 -2.72
CA TYR B 188 1.92 -19.30 -3.96
C TYR B 188 0.81 -18.28 -3.77
N THR B 189 0.67 -17.79 -2.53
CA THR B 189 -0.34 -16.79 -2.18
C THR B 189 0.31 -15.63 -1.41
N PRO B 190 1.36 -14.98 -1.98
CA PRO B 190 2.11 -13.86 -1.39
C PRO B 190 1.37 -12.52 -1.25
N GLY B 191 0.88 -12.25 -0.04
CA GLY B 191 0.15 -11.01 0.22
C GLY B 191 -1.37 -11.19 0.20
N PHE B 192 -1.83 -12.11 -0.65
CA PHE B 192 -3.24 -12.39 -0.78
C PHE B 192 -3.51 -13.84 -0.40
N PRO B 193 -4.66 -14.11 0.23
CA PRO B 193 -5.02 -15.48 0.65
C PRO B 193 -5.18 -16.48 -0.50
N SER B 194 -5.09 -17.76 -0.15
CA SER B 194 -5.21 -18.87 -1.08
C SER B 194 -6.63 -19.34 -1.28
N PHE B 195 -6.82 -20.22 -2.26
CA PHE B 195 -8.13 -20.78 -2.56
C PHE B 195 -8.07 -22.31 -2.63
N ASN B 196 -8.64 -22.87 -3.69
CA ASN B 196 -8.65 -24.30 -3.93
C ASN B 196 -7.41 -24.56 -4.77
N HIS B 197 -7.22 -25.79 -5.21
CA HIS B 197 -6.09 -26.11 -6.09
C HIS B 197 -6.73 -26.02 -7.46
N THR B 198 -7.99 -26.43 -7.50
CA THR B 198 -8.79 -26.40 -8.71
C THR B 198 -8.73 -25.00 -9.26
N GLN B 199 -8.71 -24.03 -8.35
CA GLN B 199 -8.64 -22.62 -8.73
C GLN B 199 -7.30 -22.04 -8.31
N PHE B 200 -6.67 -21.26 -9.18
CA PHE B 200 -5.37 -20.65 -8.87
C PHE B 200 -4.39 -21.74 -8.42
N PRO B 201 -3.88 -22.56 -9.38
CA PRO B 201 -2.95 -23.62 -9.01
C PRO B 201 -1.49 -23.53 -9.50
N PRO B 202 -0.89 -22.34 -9.53
CA PRO B 202 0.50 -22.30 -10.00
C PRO B 202 1.37 -23.35 -9.30
N SER B 203 2.44 -23.77 -9.98
CA SER B 203 3.34 -24.81 -9.46
C SER B 203 4.26 -24.34 -8.32
N ARG B 204 5.24 -23.49 -8.63
CA ARG B 204 6.14 -22.99 -7.59
C ARG B 204 7.17 -21.97 -8.08
N SER B 205 8.37 -22.05 -7.50
CA SER B 205 9.50 -21.16 -7.82
C SER B 205 9.22 -19.70 -7.48
N SER B 206 8.06 -19.47 -6.88
CA SER B 206 7.64 -18.14 -6.48
C SER B 206 8.30 -17.81 -5.13
N GLY B 207 9.64 -17.87 -5.12
CA GLY B 207 10.40 -17.62 -3.92
C GLY B 207 10.84 -18.94 -3.31
N LEU B 208 10.86 -19.99 -4.14
CA LEU B 208 11.24 -21.32 -3.68
C LEU B 208 12.53 -21.79 -4.34
N PRO B 209 13.35 -22.56 -3.58
CA PRO B 209 14.65 -23.13 -3.93
C PRO B 209 15.04 -23.27 -5.39
N ASN B 210 14.51 -24.27 -6.08
CA ASN B 210 14.85 -24.53 -7.48
C ASN B 210 16.15 -25.33 -7.48
N ILE B 211 16.50 -25.82 -6.29
CA ILE B 211 17.69 -26.61 -6.06
C ILE B 211 17.34 -27.65 -5.00
N PRO B 212 17.55 -28.93 -5.30
CA PRO B 212 17.22 -29.97 -4.32
C PRO B 212 17.90 -29.77 -2.98
N VAL B 213 17.14 -29.88 -1.90
CA VAL B 213 17.68 -29.74 -0.55
C VAL B 213 17.27 -30.96 0.24
N GLN B 214 18.25 -31.65 0.83
CA GLN B 214 17.94 -32.83 1.61
C GLN B 214 18.63 -32.88 2.99
N THR B 215 17.84 -33.21 4.01
CA THR B 215 18.37 -33.31 5.36
C THR B 215 19.07 -34.66 5.46
N ILE B 216 20.24 -34.70 6.10
CA ILE B 216 21.01 -35.93 6.24
C ILE B 216 21.39 -36.25 7.68
N SER B 217 21.38 -37.54 8.03
CA SER B 217 21.71 -37.99 9.38
C SER B 217 23.22 -37.87 9.63
N ARG B 218 23.60 -37.52 10.87
CA ARG B 218 25.02 -37.37 11.21
C ARG B 218 25.80 -38.56 10.69
N ALA B 219 25.25 -39.75 10.92
CA ALA B 219 25.88 -40.99 10.48
C ALA B 219 26.22 -40.87 8.99
N ALA B 220 25.23 -40.49 8.19
CA ALA B 220 25.41 -40.32 6.76
C ALA B 220 26.49 -39.27 6.48
N ALA B 221 26.47 -38.20 7.27
CA ALA B 221 27.46 -37.14 7.11
C ALA B 221 28.84 -37.74 7.32
N GLU B 222 28.95 -38.57 8.35
CA GLU B 222 30.22 -39.24 8.67
C GLU B 222 30.78 -39.86 7.40
N LYS B 223 29.99 -40.76 6.81
CA LYS B 223 30.37 -41.46 5.60
C LYS B 223 30.77 -40.54 4.44
N LEU B 224 30.01 -39.47 4.21
CA LEU B 224 30.34 -38.53 3.14
C LEU B 224 31.75 -38.02 3.32
N PHE B 225 32.03 -37.50 4.52
CA PHE B 225 33.35 -36.98 4.88
C PHE B 225 34.38 -38.08 4.66
N GLY B 226 33.95 -39.32 4.90
CA GLY B 226 34.83 -40.45 4.73
C GLY B 226 35.38 -40.51 3.31
N ASN B 227 34.60 -40.01 2.36
CA ASN B 227 35.02 -40.01 0.97
C ASN B 227 35.38 -38.60 0.51
N MET B 228 36.09 -37.87 1.35
CA MET B 228 36.49 -36.50 1.03
C MET B 228 37.95 -36.26 1.40
N GLU B 229 38.69 -35.63 0.49
CA GLU B 229 40.11 -35.35 0.69
C GLU B 229 40.37 -34.15 1.59
N GLY B 230 39.74 -33.01 1.29
CA GLY B 230 39.92 -31.81 2.10
C GLY B 230 39.86 -32.02 3.60
N ASP B 231 40.31 -31.01 4.35
CA ASP B 231 40.30 -31.10 5.81
C ASP B 231 39.64 -29.89 6.49
N CYS B 232 38.65 -30.19 7.34
CA CYS B 232 37.89 -29.18 8.08
C CYS B 232 38.73 -28.26 8.98
N PRO B 233 38.58 -26.93 8.81
CA PRO B 233 39.28 -25.87 9.54
C PRO B 233 38.90 -25.74 11.02
N SER B 234 39.74 -25.03 11.76
CA SER B 234 39.52 -24.78 13.19
C SER B 234 38.71 -23.49 13.33
N ASP B 235 38.74 -22.68 12.27
CA ASP B 235 37.98 -21.44 12.22
C ASP B 235 36.55 -21.88 12.59
N TRP B 236 36.09 -22.95 11.94
CA TRP B 236 34.76 -23.52 12.20
C TRP B 236 34.79 -23.99 13.66
N LYS B 237 33.99 -23.34 14.50
CA LYS B 237 33.94 -23.72 15.91
C LYS B 237 33.23 -25.07 15.97
N THR B 238 33.88 -26.09 15.41
CA THR B 238 33.36 -27.44 15.36
C THR B 238 34.40 -28.36 15.99
N ASP B 239 34.38 -29.63 15.56
CA ASP B 239 35.35 -30.61 16.03
C ASP B 239 35.62 -31.61 14.89
N SER B 240 36.82 -32.18 14.92
CA SER B 240 37.32 -33.15 13.94
C SER B 240 36.28 -34.07 13.26
N THR B 241 36.73 -34.73 12.19
CA THR B 241 35.93 -35.69 11.40
C THR B 241 35.53 -35.21 10.01
N CYS B 242 35.12 -33.94 9.88
CA CYS B 242 34.70 -33.48 8.56
C CYS B 242 35.82 -33.01 7.65
N ARG B 243 35.53 -33.05 6.36
CA ARG B 243 36.48 -32.64 5.34
C ARG B 243 35.92 -31.35 4.76
N MET B 244 36.42 -30.97 3.59
CA MET B 244 35.97 -29.77 2.91
C MET B 244 35.46 -30.12 1.51
N VAL B 245 36.13 -31.07 0.87
CA VAL B 245 35.75 -31.51 -0.47
C VAL B 245 35.89 -33.03 -0.59
N THR B 246 35.00 -33.63 -1.37
CA THR B 246 35.05 -35.07 -1.60
C THR B 246 36.34 -35.40 -2.33
N SER B 247 36.83 -36.61 -2.13
CA SER B 247 38.05 -37.05 -2.79
C SER B 247 37.79 -37.09 -4.30
N GLU B 248 38.57 -36.30 -5.04
CA GLU B 248 38.45 -36.19 -6.50
C GLU B 248 38.05 -37.51 -7.16
N SER B 249 38.70 -38.60 -6.73
CA SER B 249 38.44 -39.92 -7.28
C SER B 249 36.97 -40.17 -7.59
N LYS B 250 36.08 -39.56 -6.83
CA LYS B 250 34.65 -39.73 -7.05
C LYS B 250 33.76 -38.63 -6.43
N ASN B 251 32.51 -38.57 -6.89
CA ASN B 251 31.54 -37.58 -6.41
C ASN B 251 30.28 -38.19 -5.81
N VAL B 252 29.30 -37.33 -5.51
CA VAL B 252 28.03 -37.77 -4.90
C VAL B 252 26.78 -37.32 -5.68
N LYS B 253 25.73 -38.13 -5.61
CA LYS B 253 24.48 -37.83 -6.30
C LYS B 253 23.30 -37.71 -5.33
N LEU B 254 22.61 -36.58 -5.42
CA LEU B 254 21.44 -36.31 -4.58
C LEU B 254 20.17 -36.48 -5.38
N THR B 255 19.24 -37.25 -4.83
CA THR B 255 17.96 -37.50 -5.49
C THR B 255 16.77 -37.31 -4.56
N VAL B 256 16.03 -36.22 -4.77
CA VAL B 256 14.87 -35.93 -3.96
C VAL B 256 13.59 -35.90 -4.76
N SER B 257 12.67 -36.77 -4.39
CA SER B 257 11.39 -36.86 -5.06
C SER B 257 10.28 -36.56 -4.06
N ASN B 258 9.89 -35.29 -4.00
CA ASN B 258 8.83 -34.87 -3.10
C ASN B 258 7.67 -34.35 -3.93
N VAL B 259 6.47 -34.41 -3.36
CA VAL B 259 5.29 -33.96 -4.07
C VAL B 259 4.43 -33.01 -3.26
N LEU B 260 3.79 -32.08 -3.96
CA LEU B 260 2.93 -31.12 -3.30
C LEU B 260 1.66 -31.84 -2.89
N LYS B 261 1.02 -31.37 -1.82
CA LYS B 261 -0.20 -32.00 -1.34
C LYS B 261 -1.13 -30.99 -0.67
N GLU B 262 -2.21 -30.61 -1.37
CA GLU B 262 -3.14 -29.65 -0.80
C GLU B 262 -3.78 -30.19 0.47
N ILE B 263 -3.64 -29.46 1.57
CA ILE B 263 -4.21 -29.85 2.86
C ILE B 263 -5.14 -28.76 3.34
N LYS B 264 -5.88 -29.02 4.42
CA LYS B 264 -6.79 -28.00 4.96
C LYS B 264 -6.34 -27.57 6.34
N ILE B 265 -5.70 -26.40 6.41
CA ILE B 265 -5.20 -25.84 7.67
C ILE B 265 -6.38 -25.32 8.50
N LEU B 266 -6.29 -25.46 9.82
CA LEU B 266 -7.38 -25.01 10.66
C LEU B 266 -6.95 -24.16 11.85
N ASN B 267 -7.04 -22.84 11.71
CA ASN B 267 -6.68 -21.94 12.79
C ASN B 267 -7.84 -21.83 13.74
N ILE B 268 -7.57 -21.86 15.04
CA ILE B 268 -8.63 -21.78 16.05
C ILE B 268 -8.47 -20.54 16.91
N PHE B 269 -9.49 -19.67 16.90
CA PHE B 269 -9.45 -18.44 17.69
C PHE B 269 -10.25 -18.50 18.98
N GLY B 270 -10.52 -17.34 19.56
CA GLY B 270 -11.25 -17.25 20.81
C GLY B 270 -10.82 -15.97 21.52
N VAL B 271 -11.75 -15.03 21.68
CA VAL B 271 -11.42 -13.76 22.29
C VAL B 271 -12.04 -13.52 23.65
N ILE B 272 -11.68 -12.40 24.27
CA ILE B 272 -12.21 -11.99 25.56
C ILE B 272 -12.50 -10.50 25.41
N LYS B 273 -13.69 -10.19 24.92
CA LYS B 273 -14.11 -8.82 24.68
C LYS B 273 -13.67 -7.85 25.77
N GLY B 274 -13.17 -6.68 25.36
CA GLY B 274 -12.75 -5.69 26.33
C GLY B 274 -13.93 -4.90 26.85
N PHE B 275 -13.66 -3.89 27.69
CA PHE B 275 -14.73 -3.08 28.26
C PHE B 275 -14.80 -1.63 27.79
N VAL B 276 -13.73 -1.12 27.18
CA VAL B 276 -13.72 0.26 26.71
C VAL B 276 -13.34 0.41 25.25
N GLU B 277 -12.38 -0.40 24.81
CA GLU B 277 -11.93 -0.40 23.42
C GLU B 277 -12.09 -1.84 22.94
N PRO B 278 -13.28 -2.44 23.15
CA PRO B 278 -13.55 -3.82 22.76
C PRO B 278 -13.05 -4.22 21.40
N ASP B 279 -12.80 -3.26 20.52
CA ASP B 279 -12.36 -3.59 19.19
C ASP B 279 -10.88 -3.43 18.91
N HIS B 280 -10.08 -3.35 19.96
CA HIS B 280 -8.62 -3.26 19.83
C HIS B 280 -8.10 -4.50 20.54
N TYR B 281 -7.53 -5.42 19.78
CA TYR B 281 -7.06 -6.68 20.32
C TYR B 281 -5.55 -6.84 20.57
N VAL B 282 -5.21 -7.89 21.31
CA VAL B 282 -3.84 -8.26 21.64
C VAL B 282 -3.71 -9.71 21.22
N VAL B 283 -3.34 -9.95 19.96
CA VAL B 283 -3.22 -11.31 19.48
C VAL B 283 -2.16 -12.14 20.19
N VAL B 284 -2.57 -13.24 20.84
CA VAL B 284 -1.65 -14.16 21.54
C VAL B 284 -1.69 -15.50 20.80
N GLY B 285 -0.64 -15.78 20.03
CA GLY B 285 -0.62 -17.00 19.24
C GLY B 285 0.27 -18.13 19.71
N ALA B 286 0.14 -19.28 19.04
CA ALA B 286 0.91 -20.48 19.36
C ALA B 286 0.78 -21.59 18.32
N GLN B 287 1.89 -21.92 17.66
CA GLN B 287 1.89 -22.99 16.66
C GLN B 287 1.32 -24.27 17.25
N ARG B 288 0.46 -24.94 16.49
CA ARG B 288 -0.18 -26.16 16.97
C ARG B 288 0.22 -27.42 16.22
N ASP B 289 0.76 -27.29 15.02
CA ASP B 289 1.15 -28.47 14.28
C ASP B 289 2.62 -28.75 14.52
N ALA B 290 3.09 -29.87 14.02
CA ALA B 290 4.49 -30.29 14.17
C ALA B 290 4.76 -31.58 13.39
N TRP B 291 6.01 -31.79 13.00
CA TRP B 291 6.37 -32.98 12.25
C TRP B 291 6.38 -34.16 13.20
N GLY B 292 7.29 -34.14 14.15
CA GLY B 292 7.36 -35.21 15.12
C GLY B 292 6.28 -34.96 16.16
N PRO B 293 6.48 -35.39 17.39
CA PRO B 293 5.47 -35.16 18.42
C PRO B 293 5.58 -33.71 18.88
N GLY B 294 6.68 -33.09 18.46
CA GLY B 294 6.97 -31.70 18.80
C GLY B 294 6.48 -31.21 20.14
N ALA B 295 6.91 -31.87 21.21
CA ALA B 295 6.49 -31.44 22.54
C ALA B 295 7.02 -30.04 22.80
N ALA B 296 8.20 -29.76 22.25
CA ALA B 296 8.82 -28.45 22.41
C ALA B 296 8.35 -27.54 21.29
N LYS B 297 8.61 -27.95 20.06
CA LYS B 297 8.23 -27.18 18.89
C LYS B 297 6.77 -26.75 18.94
N SER B 298 5.89 -27.58 19.48
CA SER B 298 4.47 -27.23 19.53
C SER B 298 3.73 -27.50 20.84
N GLY B 299 4.25 -28.40 21.64
CA GLY B 299 3.60 -28.73 22.91
C GLY B 299 3.51 -27.56 23.88
N VAL B 300 4.64 -27.19 24.47
CA VAL B 300 4.74 -26.10 25.43
C VAL B 300 3.93 -24.89 24.98
N GLY B 301 4.06 -24.51 23.72
CA GLY B 301 3.30 -23.40 23.22
C GLY B 301 1.80 -23.57 23.45
N THR B 302 1.18 -24.48 22.70
CA THR B 302 -0.25 -24.73 22.82
C THR B 302 -0.64 -24.96 24.27
N ALA B 303 0.28 -25.55 25.01
CA ALA B 303 0.05 -25.83 26.42
C ALA B 303 -0.21 -24.50 27.12
N LEU B 304 0.70 -23.55 26.89
CA LEU B 304 0.60 -22.23 27.47
C LEU B 304 -0.63 -21.50 26.96
N LEU B 305 -0.82 -21.51 25.64
CA LEU B 305 -1.93 -20.84 25.00
C LEU B 305 -3.23 -21.17 25.73
N LEU B 306 -3.47 -22.47 25.93
CA LEU B 306 -4.67 -22.94 26.60
C LEU B 306 -4.71 -22.47 28.06
N LYS B 307 -3.72 -22.88 28.84
CA LYS B 307 -3.65 -22.51 30.25
C LYS B 307 -3.73 -21.01 30.44
N LEU B 308 -3.12 -20.29 29.50
CA LEU B 308 -3.09 -18.84 29.57
C LEU B 308 -4.45 -18.22 29.23
N ALA B 309 -5.21 -18.91 28.38
CA ALA B 309 -6.53 -18.42 28.01
C ALA B 309 -7.48 -18.77 29.14
N GLN B 310 -7.21 -19.91 29.76
CA GLN B 310 -8.03 -20.39 30.86
C GLN B 310 -8.00 -19.40 32.02
N MET B 311 -6.84 -18.80 32.26
CA MET B 311 -6.70 -17.84 33.35
C MET B 311 -7.41 -16.52 33.17
N PHE B 312 -7.09 -15.81 32.09
CA PHE B 312 -7.71 -14.52 31.86
C PHE B 312 -9.23 -14.56 31.85
N SER B 313 -9.80 -15.55 31.19
CA SER B 313 -11.25 -15.66 31.16
C SER B 313 -11.73 -15.77 32.61
N ASP B 314 -11.08 -16.64 33.37
CA ASP B 314 -11.44 -16.84 34.76
C ASP B 314 -11.34 -15.51 35.50
N MET B 315 -10.19 -14.86 35.38
CA MET B 315 -9.96 -13.58 36.04
C MET B 315 -11.05 -12.56 35.74
N VAL B 316 -11.53 -12.57 34.49
CA VAL B 316 -12.56 -11.64 34.07
C VAL B 316 -13.91 -11.93 34.72
N LEU B 317 -14.28 -13.20 34.79
CA LEU B 317 -15.56 -13.60 35.40
C LEU B 317 -15.56 -13.62 36.92
N LYS B 318 -14.61 -14.34 37.50
CA LYS B 318 -14.51 -14.47 38.96
C LYS B 318 -13.75 -13.37 39.72
N ASP B 319 -12.57 -13.00 39.25
CA ASP B 319 -11.74 -12.02 39.93
C ASP B 319 -11.97 -10.53 39.67
N GLY B 320 -12.87 -10.20 38.75
CA GLY B 320 -13.17 -8.81 38.49
C GLY B 320 -12.24 -8.04 37.59
N PHE B 321 -11.38 -8.75 36.88
CA PHE B 321 -10.43 -8.14 35.94
C PHE B 321 -11.19 -7.58 34.74
N GLN B 322 -11.07 -6.27 34.50
CA GLN B 322 -11.77 -5.64 33.40
C GLN B 322 -10.89 -5.07 32.28
N PRO B 323 -10.24 -5.96 31.50
CA PRO B 323 -9.36 -5.57 30.38
C PRO B 323 -9.99 -4.48 29.54
N SER B 324 -9.36 -3.32 29.45
CA SER B 324 -9.91 -2.23 28.66
C SER B 324 -9.95 -2.56 27.17
N ARG B 325 -9.10 -3.50 26.76
CA ARG B 325 -9.05 -3.92 25.37
C ARG B 325 -9.11 -5.43 25.31
N SER B 326 -9.82 -5.95 24.32
CA SER B 326 -10.00 -7.38 24.18
C SER B 326 -8.72 -8.14 23.87
N ILE B 327 -8.70 -9.39 24.32
CA ILE B 327 -7.58 -10.31 24.12
C ILE B 327 -8.08 -11.38 23.14
N ILE B 328 -7.22 -11.83 22.23
CA ILE B 328 -7.62 -12.86 21.27
C ILE B 328 -6.56 -13.93 21.10
N PHE B 329 -6.79 -15.10 21.68
CA PHE B 329 -5.83 -16.20 21.60
C PHE B 329 -6.00 -16.93 20.28
N ALA B 330 -4.91 -17.40 19.70
CA ALA B 330 -4.99 -18.10 18.41
C ALA B 330 -3.96 -19.20 18.27
N SER B 331 -4.44 -20.41 17.95
CA SER B 331 -3.57 -21.57 17.77
C SER B 331 -3.45 -21.84 16.26
N TRP B 332 -2.36 -21.38 15.66
CA TRP B 332 -2.14 -21.56 14.23
C TRP B 332 -1.81 -22.99 13.87
N SER B 333 -1.79 -23.28 12.57
CA SER B 333 -1.47 -24.61 12.08
C SER B 333 -0.61 -24.47 10.84
N ALA B 334 -0.06 -25.58 10.38
CA ALA B 334 0.78 -25.57 9.20
C ALA B 334 1.95 -24.62 9.42
N GLY B 335 2.34 -24.49 10.69
CA GLY B 335 3.43 -23.60 11.04
C GLY B 335 4.80 -24.09 10.64
N ASP B 336 4.98 -25.41 10.56
CA ASP B 336 6.28 -25.95 10.19
C ASP B 336 6.65 -25.59 8.76
N PHE B 337 5.72 -25.00 8.04
CA PHE B 337 5.99 -24.63 6.65
C PHE B 337 6.09 -23.12 6.46
N GLY B 338 6.42 -22.41 7.54
CA GLY B 338 6.57 -20.96 7.45
C GLY B 338 5.44 -20.17 8.04
N SER B 339 4.82 -20.70 9.10
CA SER B 339 3.70 -20.02 9.74
C SER B 339 2.53 -19.91 8.77
N VAL B 340 2.54 -20.78 7.77
CA VAL B 340 1.51 -20.80 6.74
C VAL B 340 0.14 -20.51 7.29
N GLY B 341 -0.13 -21.00 8.50
CA GLY B 341 -1.42 -20.78 9.12
C GLY B 341 -1.61 -19.33 9.54
N ALA B 342 -0.73 -18.85 10.41
CA ALA B 342 -0.82 -17.49 10.88
C ALA B 342 -0.60 -16.48 9.75
N THR B 343 0.32 -16.77 8.85
CA THR B 343 0.58 -15.84 7.77
C THR B 343 -0.63 -15.63 6.88
N GLU B 344 -1.22 -16.71 6.36
CA GLU B 344 -2.37 -16.55 5.47
C GLU B 344 -3.55 -15.88 6.18
N TRP B 345 -3.51 -15.85 7.49
CA TRP B 345 -4.57 -15.17 8.24
C TRP B 345 -4.30 -13.69 8.01
N LEU B 346 -3.08 -13.28 8.33
CA LEU B 346 -2.66 -11.90 8.17
C LEU B 346 -2.91 -11.52 6.72
N GLU B 347 -2.46 -12.35 5.79
CA GLU B 347 -2.67 -12.11 4.36
C GLU B 347 -4.10 -11.60 4.16
N GLY B 348 -4.99 -12.06 5.04
CA GLY B 348 -6.40 -11.70 4.97
C GLY B 348 -6.80 -10.28 5.31
N TYR B 349 -6.05 -9.61 6.19
CA TYR B 349 -6.37 -8.23 6.54
C TYR B 349 -5.18 -7.35 6.12
N LEU B 350 -4.80 -7.50 4.85
CA LEU B 350 -3.67 -6.79 4.27
C LEU B 350 -3.56 -5.33 4.57
N SER B 351 -4.67 -4.68 4.89
CA SER B 351 -4.58 -3.26 5.16
C SER B 351 -5.47 -2.76 6.27
N SER B 352 -5.80 -3.64 7.21
CA SER B 352 -6.68 -3.25 8.29
C SER B 352 -6.33 -3.87 9.63
N LEU B 353 -5.57 -4.96 9.62
CA LEU B 353 -5.22 -5.62 10.87
C LEU B 353 -4.68 -4.67 11.91
N HIS B 354 -3.80 -3.76 11.48
CA HIS B 354 -3.21 -2.82 12.42
C HIS B 354 -4.26 -1.93 13.04
N LEU B 355 -5.40 -1.80 12.38
CA LEU B 355 -6.50 -0.99 12.91
C LEU B 355 -7.19 -1.81 13.99
N LYS B 356 -6.88 -3.10 14.04
CA LYS B 356 -7.51 -4.01 14.98
C LYS B 356 -6.58 -4.57 16.05
N ALA B 357 -5.52 -5.26 15.62
CA ALA B 357 -4.56 -5.85 16.55
C ALA B 357 -3.44 -4.85 16.82
N PHE B 358 -3.18 -4.52 18.08
CA PHE B 358 -2.14 -3.56 18.39
C PHE B 358 -0.85 -4.16 18.90
N THR B 359 -0.81 -5.47 19.09
CA THR B 359 0.39 -6.18 19.54
C THR B 359 0.21 -7.68 19.44
N TYR B 360 1.27 -8.36 19.03
CA TYR B 360 1.21 -9.80 18.89
C TYR B 360 2.27 -10.46 19.74
N ILE B 361 1.83 -11.29 20.70
CA ILE B 361 2.72 -12.03 21.57
C ILE B 361 2.82 -13.41 20.93
N ASN B 362 3.87 -14.16 21.24
CA ASN B 362 4.01 -15.48 20.63
C ASN B 362 4.61 -16.47 21.62
N LEU B 363 3.90 -17.56 21.86
CA LEU B 363 4.37 -18.53 22.83
C LEU B 363 5.18 -19.68 22.30
N ASP B 364 5.37 -19.75 20.99
CA ASP B 364 6.16 -20.82 20.39
C ASP B 364 7.52 -20.99 21.06
N LYS B 365 7.98 -22.23 21.15
CA LYS B 365 9.26 -22.55 21.77
C LYS B 365 9.57 -21.69 22.99
N ALA B 366 8.59 -21.52 23.88
CA ALA B 366 8.78 -20.69 25.06
C ALA B 366 9.74 -21.30 26.08
N VAL B 367 9.70 -22.62 26.23
CA VAL B 367 10.57 -23.29 27.19
C VAL B 367 11.49 -24.27 26.49
N LEU B 368 12.78 -23.98 26.53
CA LEU B 368 13.77 -24.85 25.90
C LEU B 368 14.96 -25.10 26.82
N GLY B 369 14.99 -24.42 27.96
CA GLY B 369 16.10 -24.59 28.89
C GLY B 369 15.85 -23.83 30.19
N THR B 370 16.93 -23.48 30.88
CA THR B 370 16.80 -22.76 32.15
C THR B 370 18.01 -21.91 32.45
N SER B 371 18.79 -21.60 31.43
CA SER B 371 19.98 -20.76 31.61
C SER B 371 19.74 -19.32 31.23
N ASN B 372 19.52 -19.09 29.94
CA ASN B 372 19.28 -17.73 29.45
C ASN B 372 17.81 -17.37 29.29
N PHE B 373 17.56 -16.16 28.83
CA PHE B 373 16.22 -15.67 28.61
C PHE B 373 16.23 -14.72 27.42
N LYS B 374 16.42 -15.28 26.23
CA LYS B 374 16.46 -14.49 25.00
C LYS B 374 15.08 -13.81 24.84
N VAL B 375 15.06 -12.65 24.20
CA VAL B 375 13.82 -11.90 23.96
C VAL B 375 13.96 -11.12 22.67
N SER B 376 13.02 -11.32 21.75
CA SER B 376 13.04 -10.61 20.48
C SER B 376 11.72 -9.87 20.32
N ALA B 377 11.77 -8.60 19.91
CA ALA B 377 10.56 -7.84 19.74
C ALA B 377 10.79 -6.54 19.02
N SER B 378 9.71 -5.80 18.79
CA SER B 378 9.78 -4.50 18.15
C SER B 378 10.11 -3.47 19.20
N PRO B 379 10.99 -2.54 18.90
CA PRO B 379 11.33 -1.54 19.92
C PRO B 379 10.09 -0.98 20.63
N LEU B 380 8.92 -1.08 20.02
CA LEU B 380 7.75 -0.53 20.65
C LEU B 380 7.41 -1.25 21.94
N LEU B 381 7.90 -2.47 22.10
CA LEU B 381 7.59 -3.22 23.32
C LEU B 381 8.80 -3.35 24.21
N TYR B 382 9.81 -2.54 23.93
CA TYR B 382 11.04 -2.59 24.69
C TYR B 382 10.88 -2.37 26.18
N THR B 383 10.23 -1.29 26.57
CA THR B 383 10.05 -0.99 27.98
C THR B 383 9.15 -1.99 28.69
N LEU B 384 8.27 -2.66 27.96
CA LEU B 384 7.40 -3.66 28.58
C LEU B 384 8.22 -4.89 28.91
N ILE B 385 9.02 -5.31 27.94
CA ILE B 385 9.88 -6.46 28.13
C ILE B 385 10.73 -6.17 29.35
N GLU B 386 11.34 -4.98 29.38
CA GLU B 386 12.19 -4.57 30.49
C GLU B 386 11.46 -4.61 31.83
N LYS B 387 10.56 -3.66 32.05
CA LYS B 387 9.82 -3.62 33.30
C LYS B 387 9.22 -4.95 33.73
N THR B 388 8.94 -5.83 32.78
CA THR B 388 8.37 -7.14 33.13
C THR B 388 9.47 -8.09 33.61
N MET B 389 10.63 -8.05 32.98
CA MET B 389 11.74 -8.91 33.39
C MET B 389 12.20 -8.45 34.76
N GLN B 390 11.61 -7.36 35.22
CA GLN B 390 11.92 -6.81 36.52
C GLN B 390 10.85 -7.25 37.52
N ASN B 391 9.84 -7.95 37.02
CA ASN B 391 8.74 -8.43 37.87
C ASN B 391 8.68 -9.95 37.93
N VAL B 392 9.25 -10.61 36.92
CA VAL B 392 9.24 -12.07 36.88
C VAL B 392 10.56 -12.67 37.34
N LYS B 393 10.47 -13.61 38.28
CA LYS B 393 11.65 -14.27 38.82
C LYS B 393 11.91 -15.58 38.10
N HIS B 394 13.18 -15.81 37.76
CA HIS B 394 13.61 -17.02 37.07
C HIS B 394 13.05 -18.24 37.80
N PRO B 395 12.61 -19.26 37.05
CA PRO B 395 12.07 -20.45 37.69
C PRO B 395 13.07 -21.22 38.56
N VAL B 396 14.29 -21.32 38.08
CA VAL B 396 15.36 -22.02 38.80
C VAL B 396 16.01 -21.11 39.86
N THR B 397 16.62 -20.03 39.40
CA THR B 397 17.28 -19.05 40.28
C THR B 397 16.19 -18.26 40.99
N GLY B 398 16.35 -17.99 42.27
CA GLY B 398 15.33 -17.22 42.98
C GLY B 398 15.31 -15.76 42.57
N GLN B 399 16.30 -15.35 41.77
CA GLN B 399 16.44 -13.97 41.34
C GLN B 399 15.59 -13.58 40.13
N PHE B 400 15.39 -12.27 39.95
CA PHE B 400 14.61 -11.71 38.84
C PHE B 400 15.30 -11.86 37.49
N LEU B 401 14.50 -11.91 36.44
CA LEU B 401 15.02 -12.08 35.09
C LEU B 401 15.96 -10.97 34.63
N TYR B 402 15.63 -9.74 35.02
CA TYR B 402 16.40 -8.56 34.62
C TYR B 402 17.80 -8.42 35.24
N GLN B 403 18.82 -8.29 34.39
CA GLN B 403 20.19 -8.13 34.87
C GLN B 403 20.40 -6.70 35.36
N ASP B 404 20.26 -6.53 36.67
CA ASP B 404 20.39 -5.23 37.33
C ASP B 404 21.65 -4.44 37.04
N SER B 405 22.65 -5.08 36.45
CA SER B 405 23.90 -4.40 36.18
C SER B 405 23.90 -3.53 34.92
N ASN B 406 22.80 -3.54 34.17
CA ASN B 406 22.75 -2.74 32.95
C ASN B 406 21.61 -1.72 32.95
N TRP B 407 21.62 -0.81 32.00
CA TRP B 407 20.56 0.18 31.87
C TRP B 407 20.02 -0.01 30.48
N ALA B 408 20.76 -0.79 29.70
CA ALA B 408 20.39 -1.11 28.33
C ALA B 408 20.40 -2.60 28.16
N SER B 409 19.22 -3.20 28.12
CA SER B 409 19.07 -4.63 27.97
C SER B 409 19.21 -5.07 26.51
N LYS B 410 19.38 -6.37 26.29
CA LYS B 410 19.54 -6.89 24.95
C LYS B 410 18.24 -7.41 24.36
N VAL B 411 17.88 -6.90 23.20
CA VAL B 411 16.68 -7.35 22.52
C VAL B 411 17.09 -7.77 21.12
N GLU B 412 16.66 -8.96 20.74
CA GLU B 412 17.00 -9.55 19.46
C GLU B 412 15.99 -9.24 18.36
N LYS B 413 16.45 -9.30 17.11
CA LYS B 413 15.59 -9.03 15.95
C LYS B 413 14.77 -10.28 15.61
N LEU B 414 13.55 -10.10 15.12
CA LEU B 414 12.72 -11.26 14.75
C LEU B 414 13.23 -11.89 13.47
N THR B 415 13.29 -13.21 13.45
CA THR B 415 13.77 -13.95 12.29
C THR B 415 12.67 -14.51 11.39
N LEU B 416 13.03 -14.68 10.12
CA LEU B 416 12.13 -15.20 9.10
C LEU B 416 11.39 -16.43 9.59
N ASP B 417 11.92 -17.11 10.60
CA ASP B 417 11.29 -18.33 11.08
C ASP B 417 10.50 -18.19 12.36
N ASN B 418 9.85 -17.05 12.55
CA ASN B 418 9.07 -16.84 13.77
C ASN B 418 7.74 -16.20 13.44
N ALA B 419 6.65 -16.93 13.71
CA ALA B 419 5.30 -16.46 13.45
C ALA B 419 5.14 -14.98 13.78
N ALA B 420 5.92 -14.49 14.75
CA ALA B 420 5.86 -13.10 15.14
C ALA B 420 6.42 -12.21 14.04
N PHE B 421 7.42 -12.71 13.32
CA PHE B 421 8.05 -11.95 12.25
C PHE B 421 7.04 -11.41 11.24
N PRO B 422 6.16 -12.29 10.71
CA PRO B 422 5.17 -11.81 9.75
C PRO B 422 4.29 -10.71 10.34
N PHE B 423 3.80 -10.92 11.55
CA PHE B 423 2.95 -9.92 12.19
C PHE B 423 3.58 -8.52 12.16
N LEU B 424 4.89 -8.47 12.38
CA LEU B 424 5.62 -7.21 12.40
C LEU B 424 6.17 -6.75 11.07
N ALA B 425 6.79 -7.65 10.33
CA ALA B 425 7.38 -7.29 9.04
C ALA B 425 6.40 -7.21 7.87
N TYR B 426 5.22 -7.81 8.02
CA TYR B 426 4.23 -7.82 6.94
C TYR B 426 2.92 -7.09 7.27
N SER B 427 2.42 -7.30 8.49
CA SER B 427 1.18 -6.67 8.89
C SER B 427 1.38 -5.41 9.70
N GLY B 428 2.62 -5.12 10.04
CA GLY B 428 2.90 -3.90 10.79
C GLY B 428 2.36 -3.89 12.20
N ILE B 429 2.35 -5.04 12.83
CA ILE B 429 1.88 -5.16 14.20
C ILE B 429 3.10 -5.37 15.09
N PRO B 430 3.25 -4.56 16.14
CA PRO B 430 4.42 -4.78 16.99
C PRO B 430 4.31 -6.15 17.64
N ALA B 431 5.42 -6.88 17.72
CA ALA B 431 5.37 -8.21 18.31
C ALA B 431 6.57 -8.63 19.16
N VAL B 432 6.28 -9.29 20.27
CA VAL B 432 7.32 -9.75 21.18
C VAL B 432 7.42 -11.26 21.02
N SER B 433 8.49 -11.84 21.53
CA SER B 433 8.69 -13.28 21.42
C SER B 433 9.80 -13.76 22.35
N PHE B 434 9.45 -14.14 23.58
CA PHE B 434 10.46 -14.59 24.53
C PHE B 434 10.78 -16.07 24.46
N CYS B 435 11.89 -16.44 25.11
CA CYS B 435 12.39 -17.82 25.10
C CYS B 435 13.30 -18.12 26.27
N PHE B 436 12.97 -19.14 27.06
CA PHE B 436 13.85 -19.51 28.18
C PHE B 436 14.95 -20.38 27.55
N CYS B 437 15.51 -19.83 26.48
CA CYS B 437 16.57 -20.42 25.67
C CYS B 437 17.83 -20.89 26.40
N GLU B 438 18.72 -21.53 25.64
CA GLU B 438 20.00 -22.05 26.15
C GLU B 438 21.08 -21.64 25.17
N ASP B 439 22.34 -21.66 25.59
CA ASP B 439 23.42 -21.28 24.68
C ASP B 439 23.39 -22.14 23.43
N THR B 440 22.95 -23.37 23.58
CA THR B 440 22.85 -24.32 22.48
C THR B 440 21.37 -24.59 22.21
N ASP B 441 20.97 -24.53 20.95
CA ASP B 441 19.58 -24.79 20.60
C ASP B 441 19.20 -26.25 20.85
N TYR B 442 17.95 -26.45 21.28
CA TYR B 442 17.42 -27.77 21.55
C TYR B 442 17.74 -28.66 20.34
N PRO B 443 18.29 -29.84 20.57
CA PRO B 443 18.64 -30.75 19.47
C PRO B 443 17.46 -31.47 18.82
N TYR B 444 16.70 -32.18 19.63
CA TYR B 444 15.55 -32.95 19.18
C TYR B 444 14.51 -32.12 18.46
N LEU B 445 14.68 -30.81 18.45
CA LEU B 445 13.73 -29.88 17.84
C LEU B 445 13.00 -30.35 16.59
N GLY B 446 13.69 -30.38 15.45
CA GLY B 446 13.05 -30.80 14.22
C GLY B 446 13.02 -32.29 13.94
N THR B 447 13.10 -33.11 14.99
CA THR B 447 13.09 -34.54 14.80
C THR B 447 12.09 -35.29 15.67
N THR B 448 11.89 -36.56 15.34
CA THR B 448 10.96 -37.44 16.03
C THR B 448 11.28 -37.61 17.50
N MET B 449 12.31 -36.93 17.97
CA MET B 449 12.73 -37.06 19.36
C MET B 449 12.18 -35.98 20.29
N ASP B 450 11.41 -35.06 19.72
CA ASP B 450 10.81 -33.96 20.47
C ASP B 450 9.70 -34.47 21.38
N THR B 451 9.99 -35.53 22.14
CA THR B 451 9.00 -36.13 23.04
C THR B 451 8.91 -35.43 24.39
N TYR B 452 7.75 -35.56 25.02
CA TYR B 452 7.54 -34.96 26.34
C TYR B 452 8.51 -35.57 27.32
N LYS B 453 8.96 -36.78 27.02
CA LYS B 453 9.89 -37.49 27.90
C LYS B 453 11.28 -36.90 27.79
N GLU B 454 11.94 -37.12 26.64
CA GLU B 454 13.29 -36.61 26.47
C GLU B 454 13.39 -35.11 26.81
N LEU B 455 12.24 -34.43 26.83
CA LEU B 455 12.22 -33.01 27.19
C LEU B 455 12.41 -32.90 28.69
N ILE B 456 11.41 -33.36 29.42
CA ILE B 456 11.44 -33.33 30.88
C ILE B 456 12.65 -34.07 31.45
N GLU B 457 13.29 -34.94 30.65
CA GLU B 457 14.48 -35.68 31.10
C GLU B 457 15.64 -34.69 31.01
N ARG B 458 15.44 -33.67 30.18
CA ARG B 458 16.44 -32.63 29.96
C ARG B 458 16.09 -31.28 30.59
N ILE B 459 14.99 -31.23 31.32
CA ILE B 459 14.59 -29.96 31.95
C ILE B 459 13.64 -30.23 33.12
N PRO B 460 14.07 -31.07 34.08
CA PRO B 460 13.40 -31.52 35.30
C PRO B 460 12.23 -30.72 35.87
N GLU B 461 12.42 -29.42 36.02
CA GLU B 461 11.37 -28.57 36.56
C GLU B 461 10.56 -27.85 35.47
N LEU B 462 10.41 -28.51 34.32
CA LEU B 462 9.68 -27.96 33.19
C LEU B 462 8.44 -27.21 33.59
N ASN B 463 7.80 -27.65 34.67
CA ASN B 463 6.59 -26.99 35.12
C ASN B 463 6.88 -25.57 35.55
N LYS B 464 7.78 -25.40 36.51
CA LYS B 464 8.14 -24.06 36.99
C LYS B 464 8.56 -23.17 35.83
N VAL B 465 9.40 -23.69 34.95
CA VAL B 465 9.87 -22.92 33.82
C VAL B 465 8.69 -22.45 32.98
N ALA B 466 7.89 -23.38 32.50
CA ALA B 466 6.73 -23.03 31.69
C ALA B 466 5.90 -21.99 32.42
N ARG B 467 5.80 -22.14 33.74
CA ARG B 467 5.03 -21.19 34.54
C ARG B 467 5.57 -19.79 34.33
N ALA B 468 6.88 -19.62 34.50
CA ALA B 468 7.51 -18.32 34.32
C ALA B 468 7.12 -17.77 32.96
N ALA B 469 7.40 -18.54 31.90
CA ALA B 469 7.06 -18.14 30.53
C ALA B 469 5.60 -17.71 30.47
N ALA B 470 4.74 -18.46 31.13
CA ALA B 470 3.33 -18.14 31.15
C ALA B 470 3.08 -16.86 31.94
N GLU B 471 4.02 -16.51 32.81
CA GLU B 471 3.87 -15.30 33.61
C GLU B 471 4.27 -14.06 32.82
N VAL B 472 5.44 -14.08 32.20
CA VAL B 472 5.86 -12.93 31.42
C VAL B 472 4.83 -12.70 30.32
N ALA B 473 4.32 -13.79 29.75
CA ALA B 473 3.30 -13.68 28.70
C ALA B 473 2.05 -13.06 29.30
N GLY B 474 1.70 -13.48 30.52
CA GLY B 474 0.53 -12.96 31.19
C GLY B 474 0.63 -11.48 31.46
N GLN B 475 1.71 -11.05 32.12
CA GLN B 475 1.87 -9.64 32.40
C GLN B 475 1.80 -8.79 31.15
N PHE B 476 2.45 -9.23 30.07
CA PHE B 476 2.40 -8.48 28.82
C PHE B 476 0.93 -8.18 28.55
N VAL B 477 0.10 -9.23 28.59
CA VAL B 477 -1.33 -9.07 28.33
C VAL B 477 -2.00 -8.14 29.34
N ILE B 478 -1.80 -8.38 30.63
CA ILE B 478 -2.42 -7.52 31.62
C ILE B 478 -2.00 -6.09 31.35
N LYS B 479 -0.69 -5.89 31.20
CA LYS B 479 -0.13 -4.57 30.94
C LYS B 479 -0.68 -3.90 29.69
N LEU B 480 -0.75 -4.64 28.58
CA LEU B 480 -1.25 -4.06 27.34
C LEU B 480 -2.76 -3.81 27.38
N THR B 481 -3.38 -4.12 28.51
CA THR B 481 -4.82 -3.92 28.66
C THR B 481 -5.26 -3.15 29.92
N HIS B 482 -4.71 -3.53 31.06
CA HIS B 482 -5.02 -2.92 32.35
C HIS B 482 -5.40 -1.44 32.29
N ASP B 483 -4.49 -0.63 31.75
CA ASP B 483 -4.69 0.83 31.68
C ASP B 483 -5.35 1.35 30.43
N VAL B 484 -5.88 2.57 30.51
CA VAL B 484 -6.57 3.21 29.40
C VAL B 484 -5.62 3.76 28.33
N GLU B 485 -4.39 4.07 28.71
CA GLU B 485 -3.42 4.58 27.75
C GLU B 485 -2.73 3.39 27.10
N LEU B 486 -2.68 3.39 25.77
CA LEU B 486 -2.05 2.29 25.03
C LEU B 486 -0.55 2.49 25.21
N ASN B 487 0.06 1.62 26.02
CA ASN B 487 1.48 1.73 26.31
C ASN B 487 2.48 1.13 25.34
N LEU B 488 2.79 1.83 24.26
CA LEU B 488 3.79 1.36 23.31
C LEU B 488 4.86 2.42 23.20
N ASP B 489 6.12 2.00 23.16
CA ASP B 489 7.25 2.93 23.09
C ASP B 489 7.47 3.55 21.71
N TYR B 490 6.56 4.43 21.27
CA TYR B 490 6.74 5.04 19.96
C TYR B 490 7.94 5.98 19.91
N GLU B 491 8.58 6.19 21.06
CA GLU B 491 9.75 7.07 21.14
C GLU B 491 10.94 6.29 20.64
N GLU B 492 11.08 5.06 21.11
CA GLU B 492 12.20 4.21 20.73
C GLU B 492 12.50 4.26 19.24
N TYR B 493 11.54 4.70 18.43
CA TYR B 493 11.77 4.79 16.99
C TYR B 493 12.57 6.01 16.61
N ASN B 494 12.59 7.01 17.49
CA ASN B 494 13.35 8.23 17.24
C ASN B 494 14.79 7.79 17.25
N SER B 495 15.12 7.01 18.27
CA SER B 495 16.46 6.49 18.42
C SER B 495 16.74 5.63 17.21
N GLN B 496 15.88 4.65 16.98
CA GLN B 496 16.04 3.75 15.86
C GLN B 496 16.27 4.49 14.56
N LEU B 497 15.67 5.66 14.44
CA LEU B 497 15.79 6.46 13.24
C LEU B 497 17.08 7.26 13.26
N LEU B 498 17.45 7.77 14.41
CA LEU B 498 18.69 8.53 14.52
C LEU B 498 19.87 7.63 14.24
N SER B 499 19.85 6.42 14.79
CA SER B 499 20.92 5.48 14.57
C SER B 499 21.17 5.35 13.07
N PHE B 500 20.09 5.29 12.29
CA PHE B 500 20.19 5.17 10.83
C PHE B 500 20.92 6.38 10.29
N VAL B 501 20.37 7.56 10.54
CA VAL B 501 20.98 8.79 10.09
C VAL B 501 22.47 8.80 10.42
N ARG B 502 22.82 8.32 11.61
CA ARG B 502 24.21 8.27 12.02
C ARG B 502 25.00 7.39 11.08
N ASP B 503 24.71 6.09 11.10
CA ASP B 503 25.39 5.13 10.24
C ASP B 503 25.46 5.65 8.80
N LEU B 504 24.43 6.36 8.37
CA LEU B 504 24.43 6.89 7.01
C LEU B 504 25.45 8.00 6.85
N ASN B 505 25.68 8.79 7.90
CA ASN B 505 26.63 9.89 7.82
C ASN B 505 28.06 9.44 7.67
N GLN B 506 28.30 8.15 7.87
CA GLN B 506 29.65 7.63 7.73
C GLN B 506 30.01 7.54 6.25
N TYR B 507 29.06 7.85 5.38
CA TYR B 507 29.28 7.81 3.94
C TYR B 507 29.00 9.18 3.34
N ARG B 508 28.99 10.19 4.18
CA ARG B 508 28.72 11.56 3.75
C ARG B 508 29.65 11.91 2.59
N ALA B 509 30.79 11.22 2.55
CA ALA B 509 31.78 11.41 1.50
C ALA B 509 31.16 10.92 0.18
N ASP B 510 30.74 9.67 0.16
CA ASP B 510 30.12 9.10 -1.02
C ASP B 510 28.90 9.93 -1.38
N ILE B 511 28.10 10.24 -0.37
CA ILE B 511 26.90 11.02 -0.58
C ILE B 511 27.23 12.32 -1.27
N LYS B 512 28.45 12.81 -1.06
CA LYS B 512 28.89 14.06 -1.67
C LYS B 512 29.35 13.90 -3.12
N GLU B 513 30.11 12.85 -3.41
CA GLU B 513 30.56 12.63 -4.77
C GLU B 513 29.33 12.64 -5.66
N MET B 514 28.24 12.06 -5.16
CA MET B 514 26.97 12.05 -5.86
C MET B 514 26.32 13.37 -5.46
N GLY B 515 25.56 13.98 -6.36
CA GLY B 515 24.94 15.26 -6.05
C GLY B 515 24.02 15.29 -4.84
N LEU B 516 23.73 14.12 -4.28
CA LEU B 516 22.82 14.00 -3.14
C LEU B 516 23.00 14.99 -2.00
N SER B 517 21.88 15.57 -1.56
CA SER B 517 21.91 16.55 -0.50
C SER B 517 21.64 15.90 0.85
N LEU B 518 20.97 14.76 0.82
CA LEU B 518 20.66 14.03 2.06
C LEU B 518 20.03 14.95 3.12
N GLN B 519 19.55 16.12 2.71
CA GLN B 519 18.94 17.08 3.62
C GLN B 519 17.48 16.73 3.92
N TRP B 520 16.79 16.22 2.91
CA TRP B 520 15.39 15.87 3.08
C TRP B 520 15.18 14.77 4.11
N LEU B 521 16.20 13.93 4.29
CA LEU B 521 16.12 12.84 5.25
C LEU B 521 16.08 13.37 6.67
N TYR B 522 16.98 14.31 6.97
CA TYR B 522 17.03 14.90 8.30
C TYR B 522 15.70 15.55 8.59
N SER B 523 15.16 16.23 7.59
CA SER B 523 13.88 16.91 7.75
C SER B 523 12.82 15.89 8.17
N ALA B 524 12.76 14.78 7.46
CA ALA B 524 11.81 13.74 7.79
C ALA B 524 12.04 13.29 9.22
N ARG B 525 13.24 12.80 9.49
CA ARG B 525 13.63 12.35 10.81
C ARG B 525 13.18 13.34 11.88
N GLY B 526 13.27 14.62 11.55
CA GLY B 526 12.89 15.66 12.49
C GLY B 526 11.40 15.86 12.47
N ASP B 527 10.84 15.96 11.27
CA ASP B 527 9.40 16.14 11.11
C ASP B 527 8.68 15.02 11.87
N PHE B 528 9.37 13.90 12.05
CA PHE B 528 8.80 12.76 12.77
C PHE B 528 9.00 12.94 14.26
N PHE B 529 10.18 13.39 14.65
CA PHE B 529 10.49 13.61 16.06
C PHE B 529 9.41 14.48 16.67
N ARG B 530 9.14 15.64 16.04
CA ARG B 530 8.12 16.53 16.56
C ARG B 530 6.82 15.77 16.74
N ALA B 531 6.44 15.06 15.69
CA ALA B 531 5.21 14.30 15.72
C ALA B 531 5.08 13.52 17.02
N THR B 532 6.14 12.83 17.39
CA THR B 532 6.14 12.03 18.60
C THR B 532 6.10 12.92 19.85
N SER B 533 6.78 14.06 19.76
CA SER B 533 6.82 15.00 20.87
C SER B 533 5.46 15.57 21.18
N ARG B 534 4.62 15.72 20.14
CA ARG B 534 3.29 16.25 20.35
C ARG B 534 2.49 15.13 20.98
N LEU B 535 2.49 13.98 20.33
CA LEU B 535 1.77 12.85 20.85
C LEU B 535 2.15 12.64 22.31
N THR B 536 3.45 12.63 22.56
CA THR B 536 3.95 12.43 23.92
C THR B 536 3.46 13.53 24.87
N THR B 537 3.09 14.67 24.30
CA THR B 537 2.58 15.79 25.08
C THR B 537 1.08 15.65 25.20
N ASP B 538 0.37 15.71 24.08
CA ASP B 538 -1.09 15.59 24.07
C ASP B 538 -1.60 14.58 25.10
N PHE B 539 -0.87 13.47 25.25
CA PHE B 539 -1.23 12.43 26.21
C PHE B 539 -1.27 13.01 27.60
N GLY B 540 -0.13 13.54 28.02
CA GLY B 540 -0.04 14.13 29.34
C GLY B 540 -1.14 15.13 29.65
N ASN B 541 -1.51 15.94 28.66
CA ASN B 541 -2.55 16.95 28.84
C ASN B 541 -3.97 16.40 28.78
N ALA B 542 -4.10 15.18 28.27
CA ALA B 542 -5.42 14.56 28.17
C ALA B 542 -5.72 13.80 29.46
N GLU B 543 -6.99 13.69 29.81
CA GLU B 543 -7.43 13.00 31.03
C GLU B 543 -7.90 11.59 30.74
N LYS B 544 -7.43 10.65 31.56
CA LYS B 544 -7.79 9.25 31.41
C LYS B 544 -9.28 9.03 31.64
N THR B 545 -10.06 10.08 31.46
CA THR B 545 -11.50 10.00 31.64
C THR B 545 -12.24 10.32 30.35
N ASP B 546 -11.62 11.09 29.47
CA ASP B 546 -12.26 11.45 28.21
C ASP B 546 -12.07 10.34 27.19
N ARG B 547 -12.85 9.28 27.32
CA ARG B 547 -12.78 8.14 26.44
C ARG B 547 -12.54 8.57 24.99
N PHE B 548 -13.01 9.75 24.65
CA PHE B 548 -12.84 10.26 23.29
C PHE B 548 -11.45 10.76 22.95
N VAL B 549 -10.93 11.71 23.73
CA VAL B 549 -9.61 12.27 23.46
C VAL B 549 -8.53 11.22 23.60
N MET B 550 -8.75 10.25 24.48
CA MET B 550 -7.78 9.18 24.67
C MET B 550 -7.80 8.25 23.46
N LYS B 551 -9.00 7.91 23.02
CA LYS B 551 -9.15 7.02 21.87
C LYS B 551 -8.46 7.65 20.67
N LYS B 552 -8.63 8.96 20.50
CA LYS B 552 -8.01 9.64 19.37
C LYS B 552 -6.48 9.56 19.43
N LEU B 553 -5.93 9.49 20.63
CA LEU B 553 -4.49 9.41 20.79
C LEU B 553 -4.00 7.99 20.59
N ASN B 554 -4.57 7.06 21.35
CA ASN B 554 -4.18 5.66 21.27
C ASN B 554 -4.17 5.19 19.83
N ASP B 555 -5.11 5.70 19.03
CA ASP B 555 -5.17 5.32 17.63
C ASP B 555 -3.93 5.80 16.91
N ARG B 556 -3.43 6.98 17.28
CA ARG B 556 -2.23 7.51 16.65
C ARG B 556 -1.07 6.60 16.99
N VAL B 557 -0.99 6.17 18.24
CA VAL B 557 0.07 5.29 18.70
C VAL B 557 0.01 4.02 17.87
N MET B 558 -1.20 3.51 17.69
CA MET B 558 -1.48 2.29 16.97
C MET B 558 -1.11 2.36 15.49
N ARG B 559 -0.82 3.56 15.00
CA ARG B 559 -0.45 3.76 13.60
C ARG B 559 1.07 3.67 13.44
N VAL B 560 1.78 4.15 14.45
CA VAL B 560 3.24 4.19 14.44
C VAL B 560 3.96 3.02 13.77
N GLU B 561 3.74 1.81 14.28
CA GLU B 561 4.40 0.63 13.74
C GLU B 561 4.09 0.34 12.28
N TYR B 562 2.80 0.28 11.96
CA TYR B 562 2.36 0.01 10.60
C TYR B 562 2.94 0.99 9.57
N HIS B 563 2.91 2.28 9.89
CA HIS B 563 3.41 3.30 8.96
C HIS B 563 4.89 3.27 8.63
N PHE B 564 5.62 2.29 9.15
CA PHE B 564 7.03 2.18 8.79
C PHE B 564 7.23 1.09 7.73
N LEU B 565 6.12 0.69 7.11
CA LEU B 565 6.12 -0.31 6.05
C LEU B 565 6.11 0.50 4.75
N SER B 566 7.15 0.34 3.94
CA SER B 566 7.25 1.08 2.69
C SER B 566 5.98 1.06 1.89
N PRO B 567 5.35 2.22 1.73
CA PRO B 567 4.12 2.27 0.95
C PRO B 567 4.42 2.38 -0.53
N TYR B 568 5.60 1.94 -0.92
CA TYR B 568 5.98 2.01 -2.32
C TYR B 568 6.34 0.63 -2.89
N VAL B 569 6.08 -0.43 -2.12
CA VAL B 569 6.37 -1.78 -2.58
C VAL B 569 5.14 -2.65 -2.41
N SER B 570 4.83 -3.47 -3.40
CA SER B 570 3.64 -4.31 -3.34
C SER B 570 3.80 -5.56 -2.51
N PRO B 571 2.83 -5.85 -1.63
CA PRO B 571 2.87 -7.03 -0.78
C PRO B 571 3.03 -8.29 -1.61
N LYS B 572 2.42 -8.27 -2.79
CA LYS B 572 2.48 -9.41 -3.71
C LYS B 572 3.91 -9.68 -4.17
N GLU B 573 4.72 -8.64 -4.28
CA GLU B 573 6.11 -8.77 -4.70
C GLU B 573 7.08 -8.93 -3.53
N SER B 574 7.01 -8.00 -2.58
CA SER B 574 7.86 -8.01 -1.40
C SER B 574 7.00 -7.84 -0.16
N PRO B 575 6.49 -8.95 0.39
CA PRO B 575 5.63 -8.97 1.57
C PRO B 575 6.16 -8.32 2.85
N PHE B 576 7.45 -8.39 3.10
CA PHE B 576 7.99 -7.78 4.31
C PHE B 576 8.40 -6.34 4.05
N ARG B 577 7.42 -5.45 4.00
CA ARG B 577 7.62 -4.04 3.71
C ARG B 577 8.24 -3.18 4.77
N HIS B 578 8.23 -3.63 6.02
CA HIS B 578 8.78 -2.83 7.11
C HIS B 578 10.19 -2.34 6.83
N VAL B 579 10.34 -1.04 6.56
CA VAL B 579 11.65 -0.48 6.26
C VAL B 579 12.73 -0.86 7.26
N PHE B 580 12.35 -1.11 8.51
CA PHE B 580 13.33 -1.46 9.55
C PHE B 580 13.60 -2.96 9.73
N TRP B 581 12.55 -3.77 9.75
CA TRP B 581 12.73 -5.19 9.97
C TRP B 581 12.36 -6.07 8.79
N GLY B 582 11.90 -5.47 7.71
CA GLY B 582 11.51 -6.27 6.57
C GLY B 582 12.68 -6.94 5.86
N SER B 583 12.48 -7.19 4.57
CA SER B 583 13.49 -7.81 3.73
C SER B 583 13.23 -7.35 2.31
N GLY B 584 14.24 -6.78 1.66
CA GLY B 584 14.07 -6.30 0.30
C GLY B 584 14.92 -5.08 0.08
N SER B 585 14.84 -4.45 -1.08
CA SER B 585 15.63 -3.27 -1.35
C SER B 585 15.01 -2.04 -0.69
N HIS B 586 13.76 -2.18 -0.25
CA HIS B 586 13.07 -1.08 0.40
C HIS B 586 13.55 -0.93 1.85
N THR B 587 14.12 -2.02 2.36
CA THR B 587 14.67 -2.11 3.70
C THR B 587 15.66 -0.98 3.94
N LEU B 588 15.58 -0.37 5.12
CA LEU B 588 16.49 0.73 5.46
C LEU B 588 17.90 0.13 5.50
N PRO B 589 18.10 -0.96 6.25
CA PRO B 589 19.42 -1.57 6.32
C PRO B 589 19.96 -1.87 4.94
N ALA B 590 19.07 -2.30 4.06
CA ALA B 590 19.46 -2.63 2.70
C ALA B 590 20.08 -1.44 1.96
N LEU B 591 19.68 -0.23 2.36
CA LEU B 591 20.19 0.98 1.74
C LEU B 591 21.69 1.08 2.01
N LEU B 592 22.04 1.12 3.29
CA LEU B 592 23.44 1.21 3.66
C LEU B 592 24.19 0.07 3.01
N GLU B 593 23.64 -1.13 3.15
CA GLU B 593 24.26 -2.33 2.61
C GLU B 593 24.64 -2.22 1.14
N ASN B 594 23.98 -1.34 0.40
CA ASN B 594 24.30 -1.14 -1.02
C ASN B 594 25.36 -0.07 -1.09
N LEU B 595 25.16 0.98 -0.30
CA LEU B 595 26.09 2.12 -0.26
C LEU B 595 27.48 1.69 0.17
N LYS B 596 27.57 0.71 1.06
CA LYS B 596 28.87 0.22 1.51
C LYS B 596 29.72 -0.18 0.30
N LEU B 597 29.04 -0.74 -0.70
CA LEU B 597 29.69 -1.21 -1.91
C LEU B 597 30.32 -0.10 -2.76
N ARG B 598 29.86 1.12 -2.55
CA ARG B 598 30.37 2.28 -3.29
C ARG B 598 31.89 2.35 -3.25
N LYS B 599 32.44 2.24 -2.04
CA LYS B 599 33.88 2.30 -1.82
C LYS B 599 34.68 1.23 -2.58
N GLN B 600 34.09 0.04 -2.76
CA GLN B 600 34.74 -1.06 -3.47
C GLN B 600 35.13 -0.71 -4.90
N ASN B 601 34.84 0.52 -5.31
CA ASN B 601 35.14 1.05 -6.65
C ASN B 601 34.70 0.19 -7.83
N ASN B 602 34.14 -0.99 -7.55
CA ASN B 602 33.68 -1.90 -8.61
C ASN B 602 32.23 -1.55 -8.98
N GLY B 603 31.61 -2.38 -9.81
CA GLY B 603 30.25 -2.12 -10.23
C GLY B 603 29.20 -2.63 -9.26
N ALA B 604 29.63 -3.36 -8.24
CA ALA B 604 28.74 -3.93 -7.24
C ALA B 604 27.69 -2.94 -6.74
N PHE B 605 28.02 -1.65 -6.78
CA PHE B 605 27.11 -0.59 -6.33
C PHE B 605 26.19 -0.12 -7.46
N ASN B 606 24.88 -0.30 -7.28
CA ASN B 606 23.91 0.14 -8.27
C ASN B 606 23.53 1.55 -7.83
N GLU B 607 24.01 2.55 -8.56
CA GLU B 607 23.71 3.93 -8.20
C GLU B 607 22.25 4.31 -8.36
N THR B 608 21.64 3.94 -9.49
CA THR B 608 20.25 4.27 -9.72
C THR B 608 19.39 3.67 -8.60
N LEU B 609 19.75 2.47 -8.16
CA LEU B 609 19.02 1.81 -7.09
C LEU B 609 19.12 2.64 -5.82
N PHE B 610 20.34 3.01 -5.44
CA PHE B 610 20.54 3.82 -4.25
C PHE B 610 19.67 5.06 -4.34
N ARG B 611 19.96 5.91 -5.32
CA ARG B 611 19.20 7.14 -5.54
C ARG B 611 17.74 6.99 -5.12
N ASN B 612 17.09 5.92 -5.59
CA ASN B 612 15.70 5.69 -5.24
C ASN B 612 15.60 5.27 -3.78
N GLN B 613 16.33 4.21 -3.42
CA GLN B 613 16.33 3.72 -2.05
C GLN B 613 16.27 4.90 -1.09
N LEU B 614 17.24 5.79 -1.20
CA LEU B 614 17.28 6.95 -0.35
C LEU B 614 16.01 7.75 -0.56
N ALA B 615 15.80 8.20 -1.78
CA ALA B 615 14.62 9.00 -2.12
C ALA B 615 13.34 8.50 -1.46
N LEU B 616 12.99 7.24 -1.69
CA LEU B 616 11.78 6.70 -1.12
C LEU B 616 11.90 6.52 0.40
N ALA B 617 12.95 5.82 0.83
CA ALA B 617 13.17 5.61 2.26
C ALA B 617 12.99 6.91 3.02
N THR B 618 13.17 8.02 2.32
CA THR B 618 13.02 9.32 2.92
C THR B 618 11.54 9.58 3.07
N TRP B 619 10.83 9.59 1.95
CA TRP B 619 9.40 9.83 2.00
C TRP B 619 8.66 8.80 2.86
N THR B 620 9.24 7.62 3.05
CA THR B 620 8.57 6.62 3.87
C THR B 620 8.54 7.19 5.26
N ILE B 621 9.72 7.58 5.75
CA ILE B 621 9.87 8.16 7.07
C ILE B 621 9.05 9.43 7.15
N GLN B 622 9.17 10.26 6.12
CA GLN B 622 8.45 11.52 6.06
C GLN B 622 7.00 11.22 6.33
N GLY B 623 6.43 10.35 5.51
CA GLY B 623 5.04 9.99 5.66
C GLY B 623 4.71 9.51 7.05
N ALA B 624 5.57 8.64 7.58
CA ALA B 624 5.35 8.12 8.91
C ALA B 624 5.09 9.27 9.84
N ALA B 625 5.75 10.40 9.57
CA ALA B 625 5.59 11.58 10.38
C ALA B 625 4.22 12.22 10.15
N ASN B 626 3.95 12.59 8.90
CA ASN B 626 2.68 13.21 8.57
C ASN B 626 1.47 12.38 8.98
N ALA B 627 1.69 11.09 9.20
CA ALA B 627 0.62 10.22 9.59
C ALA B 627 0.48 10.17 11.12
N LEU B 628 1.62 10.29 11.81
CA LEU B 628 1.65 10.25 13.27
C LEU B 628 1.26 11.57 13.94
N SER B 629 0.62 12.45 13.17
CA SER B 629 0.11 13.76 13.61
C SER B 629 0.80 14.97 13.06
N GLY B 630 1.31 15.80 13.97
CA GLY B 630 1.92 17.05 13.57
C GLY B 630 0.70 17.95 13.54
N ASP B 631 -0.34 17.46 14.22
CA ASP B 631 -1.64 18.12 14.33
C ASP B 631 -2.28 18.14 12.95
N VAL B 632 -1.84 17.24 12.08
CA VAL B 632 -2.36 17.16 10.72
C VAL B 632 -1.81 18.36 9.95
N TRP B 633 -1.72 18.23 8.63
CA TRP B 633 -1.25 19.33 7.81
C TRP B 633 0.06 19.90 8.31
N ASP B 634 1.02 19.06 8.68
CA ASP B 634 2.31 19.54 9.18
C ASP B 634 2.72 20.85 8.46
N ILE B 635 2.83 21.93 9.24
CA ILE B 635 3.16 23.24 8.69
C ILE B 635 4.63 23.66 8.62
N ASP B 636 5.49 22.77 8.15
CA ASP B 636 6.89 23.13 7.96
C ASP B 636 6.97 23.45 6.47
N ASN B 637 6.13 24.41 6.10
CA ASN B 637 5.95 24.92 4.73
C ASN B 637 7.19 25.65 4.16
N GLU B 638 8.07 26.09 5.04
CA GLU B 638 9.28 26.80 4.63
C GLU B 638 10.16 25.85 3.80
N PHE B 639 11.24 25.37 4.42
CA PHE B 639 12.18 24.45 3.77
C PHE B 639 12.07 24.47 2.23
#